data_5S7A
#
_entry.id   5S7A
#
_cell.length_a   127.394
_cell.length_b   84.763
_cell.length_c   88.190
_cell.angle_alpha   90.000
_cell.angle_beta   130.990
_cell.angle_gamma   90.000
#
_symmetry.space_group_name_H-M   'C 1 2 1'
#
loop_
_entity.id
_entity.type
_entity.pdbx_description
1 polymer 'Activin receptor type-1'
2 non-polymer 4-methyl-3-[4-(1-methylpiperidin-4-yl)phenyl]-5-(3,4,5-trimethoxyphenyl)pyridine
3 non-polymer 1,2-ETHANEDIOL
4 non-polymer 'DIMETHYL SULFOXIDE'
5 non-polymer pyrimidin-5-amine
6 non-polymer 'SULFATE ION'
7 water water
#
_entity_poly.entity_id   1
_entity_poly.type   'polypeptide(L)'
_entity_poly.pdbx_seq_one_letter_code
;SMQRTVARDITLLECVGKGRYGEVWRGSWQGENVAVKIFSSRDEKSWFRETELYNTVMLRHENILGFIASDMTSRHSSTQ
LWLITHYHEMGSLYDYLQLTTLDTVSCLRIVLSIASGLAHLHIEIFGTQGKPAIAHRDLKSKNILVKKNGQCCIADLGLA
VMHSQSTNQLDVGNNPRVGTKRYMAPEVLDETIQVDCFDSYKRVDIWAFGLVLWEVARRMVSNGIVEDYKPPFYDVVPND
PSFEDMRKVVCVDQQRPNIPNRWFSDPTLTSLAKLMKECWYQNPSARLTALRIKKTLTKID
;
_entity_poly.pdbx_strand_id   A,B
#
loop_
_chem_comp.id
_chem_comp.type
_chem_comp.name
_chem_comp.formula
DMS non-polymer 'DIMETHYL SULFOXIDE' 'C2 H6 O S'
EDO non-polymer 1,2-ETHANEDIOL 'C2 H6 O2'
LU8 non-polymer 4-methyl-3-[4-(1-methylpiperidin-4-yl)phenyl]-5-(3,4,5-trimethoxyphenyl)pyridine 'C27 H32 N2 O3'
SO4 non-polymer 'SULFATE ION' 'O4 S -2'
T5V non-polymer pyrimidin-5-amine 'C4 H5 N3'
#
# COMPACT_ATOMS: atom_id res chain seq x y z
N GLN A 3 -2.58 22.29 38.79
CA GLN A 3 -1.84 21.23 38.04
C GLN A 3 -1.66 21.66 36.57
N ARG A 4 -2.73 22.04 35.84
CA ARG A 4 -2.54 22.63 34.49
C ARG A 4 -3.75 23.46 33.99
N THR A 5 -3.42 24.55 33.30
CA THR A 5 -4.35 25.39 32.53
C THR A 5 -4.66 24.65 31.24
N VAL A 6 -5.93 24.64 30.86
CA VAL A 6 -6.42 24.10 29.56
C VAL A 6 -7.02 25.30 28.82
N ALA A 7 -6.21 25.89 27.94
CA ALA A 7 -6.58 27.08 27.13
C ALA A 7 -7.46 26.61 25.98
N ARG A 8 -8.75 26.94 26.03
CA ARG A 8 -9.78 26.44 25.09
C ARG A 8 -10.30 27.60 24.25
N ASP A 9 -10.03 28.83 24.67
CA ASP A 9 -10.54 30.00 23.92
C ASP A 9 -10.02 29.90 22.49
N ILE A 10 -10.92 29.94 21.52
CA ILE A 10 -10.59 30.11 20.08
C ILE A 10 -11.17 31.46 19.68
N THR A 11 -10.34 32.36 19.18
CA THR A 11 -10.78 33.66 18.62
C THR A 11 -11.23 33.46 17.15
N LEU A 12 -12.50 33.72 16.87
CA LEU A 12 -13.04 33.70 15.49
C LEU A 12 -12.64 35.03 14.85
N LEU A 13 -11.98 34.99 13.70
CA LEU A 13 -11.38 36.21 13.11
C LEU A 13 -12.12 36.57 11.84
N GLU A 14 -12.41 35.65 10.94
CA GLU A 14 -13.00 35.99 9.63
C GLU A 14 -13.87 34.81 9.18
N CYS A 15 -15.08 35.08 8.70
CA CYS A 15 -15.94 34.03 8.12
C CYS A 15 -15.47 33.74 6.69
N VAL A 16 -15.17 32.48 6.37
CA VAL A 16 -14.62 32.07 5.05
C VAL A 16 -15.65 31.22 4.31
N GLY A 17 -16.85 31.03 4.86
CA GLY A 17 -17.89 30.22 4.22
C GLY A 17 -19.15 30.26 5.04
N LYS A 18 -20.29 30.38 4.36
CA LYS A 18 -21.61 30.37 5.02
C LYS A 18 -22.58 29.67 4.08
N GLY A 19 -23.37 28.74 4.59
CA GLY A 19 -24.37 28.01 3.80
C GLY A 19 -25.50 27.56 4.70
N ARG A 20 -26.31 26.62 4.20
CA ARG A 20 -27.31 25.88 5.00
C ARG A 20 -26.59 24.99 6.05
N TYR A 21 -25.39 24.46 5.78
CA TYR A 21 -24.63 23.59 6.73
C TYR A 21 -24.35 24.36 8.03
N GLY A 22 -24.29 25.68 7.94
CA GLY A 22 -23.68 26.52 8.97
C GLY A 22 -22.62 27.42 8.36
N GLU A 23 -21.53 27.65 9.11
CA GLU A 23 -20.47 28.61 8.71
C GLU A 23 -19.09 28.02 8.96
N VAL A 24 -18.09 28.44 8.19
CA VAL A 24 -16.67 28.16 8.56
C VAL A 24 -15.94 29.48 8.78
N TRP A 25 -15.15 29.50 9.83
CA TRP A 25 -14.36 30.67 10.30
C TRP A 25 -12.88 30.34 10.31
N ARG A 26 -12.06 31.27 9.86
CA ARG A 26 -10.65 31.31 10.28
C ARG A 26 -10.62 31.72 11.74
N GLY A 27 -9.94 30.94 12.56
CA GLY A 27 -9.84 31.23 13.98
C GLY A 27 -8.40 31.18 14.40
N SER A 28 -8.18 31.51 15.66
CA SER A 28 -6.83 31.54 16.25
C SER A 28 -6.88 30.78 17.56
N TRP A 29 -5.93 29.87 17.73
CA TRP A 29 -5.67 29.23 19.04
C TRP A 29 -4.19 29.25 19.33
N GLN A 30 -3.77 29.84 20.46
CA GLN A 30 -2.34 29.91 20.86
C GLN A 30 -1.49 30.46 19.70
N GLY A 31 -2.02 31.46 18.99
CA GLY A 31 -1.29 32.23 17.98
C GLY A 31 -1.22 31.56 16.62
N GLU A 32 -1.91 30.42 16.44
CA GLU A 32 -1.91 29.62 15.19
C GLU A 32 -3.32 29.60 14.57
N ASN A 33 -3.39 29.63 13.25
CA ASN A 33 -4.69 29.57 12.54
C ASN A 33 -5.28 28.15 12.76
N VAL A 34 -6.57 28.15 12.97
CA VAL A 34 -7.42 26.93 12.89
C VAL A 34 -8.65 27.28 12.07
N ALA A 35 -9.32 26.27 11.52
CA ALA A 35 -10.62 26.43 10.85
C ALA A 35 -11.69 25.96 11.81
N VAL A 36 -12.78 26.72 11.97
CA VAL A 36 -13.87 26.35 12.88
C VAL A 36 -15.15 26.25 12.08
N LYS A 37 -15.71 25.06 11.99
CA LYS A 37 -17.02 24.86 11.37
C LYS A 37 -18.06 24.88 12.48
N ILE A 38 -18.99 25.80 12.35
CA ILE A 38 -20.11 25.97 13.31
C ILE A 38 -21.34 25.41 12.62
N PHE A 39 -21.93 24.36 13.16
CA PHE A 39 -23.03 23.62 12.50
C PHE A 39 -24.37 24.30 12.76
N SER A 40 -25.20 24.38 11.73
CA SER A 40 -26.64 24.70 11.93
C SER A 40 -27.32 23.58 12.70
N SER A 41 -28.46 23.90 13.34
CA SER A 41 -29.38 22.92 13.97
C SER A 41 -29.73 21.85 12.91
N ARG A 42 -29.91 22.30 11.66
CA ARG A 42 -30.38 21.48 10.52
C ARG A 42 -29.38 20.35 10.24
N ASP A 43 -28.09 20.59 10.51
CA ASP A 43 -27.03 19.64 10.07
C ASP A 43 -26.25 19.08 11.26
N GLU A 44 -26.89 18.98 12.43
CA GLU A 44 -26.24 18.38 13.62
C GLU A 44 -25.74 16.98 13.30
N LYS A 45 -26.41 16.18 12.47
CA LYS A 45 -26.02 14.78 12.30
C LYS A 45 -24.65 14.72 11.62
N SER A 46 -24.30 15.72 10.78
CA SER A 46 -22.97 15.75 10.13
C SER A 46 -21.90 15.89 11.22
N TRP A 47 -22.12 16.71 12.24
CA TRP A 47 -21.14 16.86 13.35
C TRP A 47 -21.04 15.52 14.10
N PHE A 48 -22.17 14.90 14.41
CA PHE A 48 -22.17 13.62 15.14
C PHE A 48 -21.44 12.54 14.35
N ARG A 49 -21.69 12.47 13.05
CA ARG A 49 -21.05 11.38 12.26
C ARG A 49 -19.53 11.57 12.20
N GLU A 50 -19.07 12.77 11.90
CA GLU A 50 -17.64 13.02 11.81
C GLU A 50 -16.99 12.79 13.18
N THR A 51 -17.64 13.23 14.25
CA THR A 51 -17.13 13.04 15.62
C THR A 51 -17.10 11.53 15.92
N GLU A 52 -18.17 10.82 15.61
CA GLU A 52 -18.17 9.35 15.88
C GLU A 52 -17.04 8.68 15.11
N LEU A 53 -16.80 9.09 13.85
CA LEU A 53 -15.71 8.46 13.05
C LEU A 53 -14.35 8.72 13.73
N TYR A 54 -14.07 9.96 14.09
CA TYR A 54 -12.77 10.34 14.67
C TYR A 54 -12.59 9.76 16.07
N ASN A 55 -13.69 9.47 16.77
CA ASN A 55 -13.63 8.76 18.07
C ASN A 55 -13.34 7.29 17.82
N THR A 56 -13.63 6.77 16.65
CA THR A 56 -13.34 5.36 16.25
C THR A 56 -11.91 5.23 15.76
N VAL A 57 -11.49 6.13 14.88
CA VAL A 57 -10.16 6.08 14.24
C VAL A 57 -9.68 7.51 14.07
N MET A 58 -8.51 7.82 14.64
CA MET A 58 -7.91 9.16 14.50
C MET A 58 -7.14 9.20 13.17
N LEU A 59 -7.83 9.52 12.11
CA LEU A 59 -7.18 9.58 10.79
C LEU A 59 -6.08 10.61 10.82
N ARG A 60 -4.93 10.26 10.25
CA ARG A 60 -3.80 11.16 10.10
C ARG A 60 -3.19 10.91 8.76
N HIS A 61 -3.36 11.81 7.83
CA HIS A 61 -2.86 11.61 6.45
C HIS A 61 -2.69 12.97 5.81
N GLU A 62 -1.62 13.17 5.08
CA GLU A 62 -1.33 14.49 4.48
C GLU A 62 -2.44 14.95 3.52
N ASN A 63 -3.24 14.05 2.99
CA ASN A 63 -4.30 14.42 2.02
C ASN A 63 -5.72 14.28 2.59
N ILE A 64 -5.81 14.27 3.92
N ILE A 64 -5.82 14.27 3.92
CA ILE A 64 -7.07 14.32 4.70
CA ILE A 64 -7.12 14.35 4.63
C ILE A 64 -7.02 15.57 5.58
C ILE A 64 -7.05 15.53 5.59
N LEU A 65 -8.06 16.41 5.55
CA LEU A 65 -8.04 17.62 6.38
C LEU A 65 -7.77 17.24 7.85
N GLY A 66 -6.80 17.92 8.45
CA GLY A 66 -6.34 17.50 9.77
C GLY A 66 -7.30 17.82 10.90
N PHE A 67 -7.76 16.81 11.63
CA PHE A 67 -8.65 17.01 12.79
C PHE A 67 -7.89 17.62 13.96
N ILE A 68 -8.51 18.57 14.62
CA ILE A 68 -8.03 19.13 15.90
C ILE A 68 -9.02 18.82 17.03
N ALA A 69 -10.31 19.15 16.86
CA ALA A 69 -11.24 18.97 17.98
C ALA A 69 -12.67 18.93 17.49
N SER A 70 -13.51 18.31 18.29
CA SER A 70 -14.99 18.41 18.22
C SER A 70 -15.47 18.96 19.56
N ASP A 71 -16.25 20.03 19.51
CA ASP A 71 -16.72 20.72 20.73
C ASP A 71 -18.24 20.82 20.72
N MET A 72 -18.84 20.38 21.81
CA MET A 72 -20.26 20.64 22.10
C MET A 72 -20.32 21.56 23.32
N THR A 73 -21.01 22.69 23.21
CA THR A 73 -21.16 23.65 24.34
C THR A 73 -22.65 23.89 24.57
N SER A 74 -23.09 23.73 25.82
CA SER A 74 -24.46 24.00 26.26
C SER A 74 -24.70 25.51 26.22
N ARG A 75 -25.75 25.95 25.55
CA ARG A 75 -26.19 27.39 25.57
C ARG A 75 -27.54 27.47 26.26
N HIS A 76 -28.03 28.69 26.56
CA HIS A 76 -29.30 28.93 27.28
C HIS A 76 -30.40 27.99 26.76
N SER A 77 -30.65 27.98 25.45
CA SER A 77 -31.82 27.33 24.82
C SER A 77 -31.41 26.41 23.67
N SER A 78 -30.11 26.11 23.51
CA SER A 78 -29.59 25.38 22.34
C SER A 78 -28.26 24.70 22.68
N THR A 79 -27.85 23.77 21.81
CA THR A 79 -26.50 23.15 21.86
C THR A 79 -25.68 23.70 20.68
N GLN A 80 -24.47 24.18 20.93
CA GLN A 80 -23.53 24.73 19.91
C GLN A 80 -22.54 23.62 19.55
N LEU A 81 -22.39 23.34 18.26
CA LEU A 81 -21.49 22.25 17.79
C LEU A 81 -20.44 22.86 16.86
N TRP A 82 -19.18 22.66 17.23
CA TRP A 82 -18.03 23.14 16.43
C TRP A 82 -17.14 21.96 16.04
N LEU A 83 -16.63 21.98 14.81
CA LEU A 83 -15.53 21.09 14.40
C LEU A 83 -14.35 21.98 14.11
N ILE A 84 -13.22 21.65 14.72
CA ILE A 84 -11.99 22.45 14.56
C ILE A 84 -10.95 21.62 13.84
N THR A 85 -10.38 22.18 12.77
CA THR A 85 -9.40 21.50 11.90
C THR A 85 -8.22 22.41 11.60
N HIS A 86 -7.21 21.85 10.96
CA HIS A 86 -6.20 22.65 10.26
C HIS A 86 -6.87 23.67 9.34
N TYR A 87 -6.17 24.78 9.14
CA TYR A 87 -6.63 25.86 8.26
C TYR A 87 -5.73 25.93 7.01
N HIS A 88 -6.39 25.91 5.86
CA HIS A 88 -5.69 25.98 4.55
C HIS A 88 -6.04 27.30 3.87
N GLU A 89 -5.13 28.25 3.98
CA GLU A 89 -5.46 29.63 3.59
C GLU A 89 -5.75 29.76 2.10
N MET A 90 -5.31 28.84 1.23
CA MET A 90 -5.61 28.93 -0.21
C MET A 90 -7.06 28.59 -0.54
N GLY A 91 -7.79 27.99 0.41
CA GLY A 91 -9.21 27.66 0.25
C GLY A 91 -9.46 26.42 -0.57
N SER A 92 -10.68 26.28 -1.04
CA SER A 92 -11.09 25.04 -1.71
C SER A 92 -10.56 24.97 -3.13
N LEU A 93 -10.47 23.75 -3.62
CA LEU A 93 -10.09 23.51 -5.04
C LEU A 93 -11.10 24.19 -5.96
N TYR A 94 -12.37 24.16 -5.63
CA TYR A 94 -13.43 24.84 -6.41
C TYR A 94 -13.09 26.31 -6.59
N ASP A 95 -12.75 27.04 -5.54
N ASP A 95 -12.72 26.95 -5.46
CA ASP A 95 -12.46 28.48 -5.77
CA ASP A 95 -12.34 28.39 -5.35
C ASP A 95 -11.08 28.62 -6.44
C ASP A 95 -11.11 28.65 -6.22
N TYR A 96 -10.10 27.79 -6.08
CA TYR A 96 -8.76 27.93 -6.64
C TYR A 96 -8.83 27.81 -8.16
N LEU A 97 -9.62 26.89 -8.67
CA LEU A 97 -9.68 26.62 -10.13
C LEU A 97 -10.38 27.77 -10.83
N GLN A 98 -11.12 28.63 -10.14
CA GLN A 98 -11.91 29.69 -10.83
C GLN A 98 -10.99 30.65 -11.58
N LEU A 99 -9.90 31.03 -10.93
CA LEU A 99 -8.92 32.07 -11.36
C LEU A 99 -7.67 31.40 -11.94
N THR A 100 -7.19 30.32 -11.30
CA THR A 100 -5.84 29.79 -11.54
C THR A 100 -5.89 28.81 -12.71
N THR A 101 -4.91 28.85 -13.59
CA THR A 101 -4.63 27.76 -14.54
C THR A 101 -3.44 26.94 -14.04
N LEU A 102 -3.28 25.76 -14.61
CA LEU A 102 -2.33 24.75 -14.12
C LEU A 102 -1.36 24.38 -15.24
N ASP A 103 -0.14 23.97 -14.89
CA ASP A 103 0.74 23.24 -15.82
C ASP A 103 0.66 21.75 -15.56
N THR A 104 1.38 20.94 -16.30
CA THR A 104 1.33 19.48 -16.19
C THR A 104 1.71 19.05 -14.77
N VAL A 105 2.79 19.58 -14.24
CA VAL A 105 3.24 19.11 -12.90
C VAL A 105 2.19 19.46 -11.85
N SER A 106 1.67 20.69 -11.85
N SER A 106 1.65 20.67 -11.87
CA SER A 106 0.69 21.12 -10.83
CA SER A 106 0.69 21.11 -10.82
C SER A 106 -0.58 20.30 -10.98
C SER A 106 -0.64 20.36 -10.97
N CYS A 107 -1.07 20.08 -12.20
CA CYS A 107 -2.31 19.32 -12.41
C CYS A 107 -2.11 17.91 -11.85
N LEU A 108 -1.04 17.22 -12.21
CA LEU A 108 -0.83 15.85 -11.74
C LEU A 108 -0.71 15.84 -10.19
N ARG A 109 0.02 16.79 -9.65
CA ARG A 109 0.24 16.82 -8.19
C ARG A 109 -1.13 16.94 -7.49
N ILE A 110 -2.00 17.82 -7.96
CA ILE A 110 -3.35 17.98 -7.41
C ILE A 110 -4.08 16.64 -7.47
N VAL A 111 -4.17 16.04 -8.65
CA VAL A 111 -5.07 14.87 -8.77
C VAL A 111 -4.47 13.67 -8.05
N LEU A 112 -3.15 13.46 -8.12
CA LEU A 112 -2.55 12.32 -7.39
C LEU A 112 -2.71 12.55 -5.88
N SER A 113 -2.66 13.77 -5.37
CA SER A 113 -2.84 13.98 -3.91
C SER A 113 -4.29 13.62 -3.52
N ILE A 114 -5.24 13.96 -4.39
CA ILE A 114 -6.65 13.61 -4.08
C ILE A 114 -6.81 12.08 -4.10
N ALA A 115 -6.28 11.42 -5.12
CA ALA A 115 -6.35 9.94 -5.22
C ALA A 115 -5.70 9.29 -3.98
N SER A 116 -4.64 9.90 -3.50
N SER A 116 -4.61 9.88 -3.50
CA SER A 116 -3.90 9.40 -2.33
CA SER A 116 -3.89 9.36 -2.31
C SER A 116 -4.78 9.49 -1.08
C SER A 116 -4.77 9.48 -1.06
N GLY A 117 -5.42 10.63 -0.87
CA GLY A 117 -6.33 10.81 0.27
C GLY A 117 -7.48 9.81 0.13
N LEU A 118 -8.00 9.65 -1.08
CA LEU A 118 -9.19 8.81 -1.25
C LEU A 118 -8.86 7.33 -1.03
N ALA A 119 -7.70 6.90 -1.54
CA ALA A 119 -7.27 5.50 -1.35
C ALA A 119 -7.04 5.29 0.14
N HIS A 120 -6.48 6.25 0.87
CA HIS A 120 -6.33 6.10 2.34
C HIS A 120 -7.68 5.90 3.00
N LEU A 121 -8.68 6.69 2.65
CA LEU A 121 -10.02 6.50 3.22
C LEU A 121 -10.52 5.08 2.93
N HIS A 122 -10.44 4.67 1.67
CA HIS A 122 -11.06 3.41 1.20
C HIS A 122 -10.42 2.16 1.80
N ILE A 123 -9.15 2.19 2.17
CA ILE A 123 -8.40 0.93 2.49
C ILE A 123 -8.60 0.56 3.95
N GLU A 124 -8.90 -0.71 4.21
CA GLU A 124 -8.92 -1.23 5.57
C GLU A 124 -7.49 -1.61 5.95
N ILE A 125 -7.03 -1.18 7.13
CA ILE A 125 -5.66 -1.49 7.64
C ILE A 125 -5.87 -2.25 8.95
N PHE A 126 -5.24 -3.43 9.10
CA PHE A 126 -5.42 -4.25 10.33
C PHE A 126 -4.44 -3.80 11.41
N GLY A 127 -4.81 -3.91 12.70
CA GLY A 127 -3.90 -3.65 13.84
C GLY A 127 -4.42 -2.60 14.82
N GLY A 130 -4.32 0.71 12.88
CA GLY A 130 -5.05 0.45 11.63
C GLY A 130 -6.30 1.30 11.51
N LYS A 131 -7.25 0.89 10.66
CA LYS A 131 -8.46 1.70 10.34
C LYS A 131 -9.47 0.85 9.62
N PRO A 132 -10.76 1.12 9.81
CA PRO A 132 -11.80 0.56 8.99
C PRO A 132 -11.70 1.21 7.60
N ALA A 133 -12.20 0.51 6.60
CA ALA A 133 -12.49 1.14 5.28
C ALA A 133 -13.56 2.21 5.46
N ILE A 134 -13.40 3.31 4.71
CA ILE A 134 -14.26 4.51 4.80
C ILE A 134 -14.61 4.95 3.39
N ALA A 135 -15.90 5.15 3.13
CA ALA A 135 -16.35 5.87 1.93
C ALA A 135 -16.82 7.26 2.31
N HIS A 136 -16.51 8.26 1.48
CA HIS A 136 -16.74 9.69 1.75
C HIS A 136 -18.21 10.08 1.56
N ARG A 137 -18.73 9.77 0.39
CA ARG A 137 -20.16 9.96 0.00
C ARG A 137 -20.52 11.40 -0.37
N ASP A 138 -19.60 12.36 -0.34
CA ASP A 138 -19.90 13.72 -0.86
C ASP A 138 -18.61 14.32 -1.45
N LEU A 139 -17.90 13.58 -2.29
CA LEU A 139 -16.63 14.08 -2.84
C LEU A 139 -16.96 15.05 -3.94
N LYS A 140 -16.32 16.18 -3.94
CA LYS A 140 -16.54 17.26 -4.92
C LYS A 140 -15.44 18.29 -4.71
N SER A 141 -15.31 19.25 -5.63
CA SER A 141 -14.20 20.22 -5.54
C SER A 141 -14.36 21.19 -4.36
N LYS A 142 -15.58 21.47 -3.92
CA LYS A 142 -15.77 22.31 -2.70
C LYS A 142 -15.33 21.56 -1.46
N ASN A 143 -15.22 20.24 -1.49
CA ASN A 143 -14.82 19.43 -0.30
C ASN A 143 -13.35 19.02 -0.38
N ILE A 144 -12.57 19.76 -1.14
CA ILE A 144 -11.11 19.52 -1.29
C ILE A 144 -10.44 20.84 -1.06
N LEU A 145 -9.42 20.89 -0.20
CA LEU A 145 -8.69 22.16 0.04
CA LEU A 145 -8.68 22.13 0.08
C LEU A 145 -7.29 22.08 -0.55
N VAL A 146 -6.79 23.24 -0.95
CA VAL A 146 -5.46 23.37 -1.59
C VAL A 146 -4.47 23.77 -0.51
N LYS A 147 -3.35 23.06 -0.44
CA LYS A 147 -2.27 23.38 0.50
C LYS A 147 -1.19 24.18 -0.24
N LYS A 148 -0.38 24.88 0.57
CA LYS A 148 0.68 25.73 -0.02
C LYS A 148 1.69 24.90 -0.81
N ASN A 149 1.91 23.63 -0.45
CA ASN A 149 2.88 22.77 -1.15
C ASN A 149 2.34 22.18 -2.45
N GLY A 150 1.13 22.54 -2.86
CA GLY A 150 0.57 22.14 -4.15
C GLY A 150 -0.21 20.86 -4.09
N GLN A 151 -0.19 20.16 -2.97
CA GLN A 151 -1.05 19.00 -2.75
C GLN A 151 -2.38 19.51 -2.22
N CYS A 152 -3.39 18.67 -2.31
CA CYS A 152 -4.73 18.94 -1.72
C CYS A 152 -5.02 17.99 -0.56
N CYS A 153 -6.08 18.30 0.17
CA CYS A 153 -6.61 17.40 1.20
C CYS A 153 -8.13 17.35 1.09
N ILE A 154 -8.67 16.19 1.43
CA ILE A 154 -10.12 15.91 1.40
C ILE A 154 -10.73 16.30 2.73
N ALA A 155 -11.86 16.99 2.65
CA ALA A 155 -12.59 17.53 3.82
C ALA A 155 -14.01 16.96 3.85
N ASP A 156 -14.60 17.06 5.03
CA ASP A 156 -16.05 16.85 5.33
C ASP A 156 -16.39 15.37 5.34
N LEU A 157 -16.29 14.74 6.49
CA LEU A 157 -16.66 13.32 6.66
C LEU A 157 -18.02 13.20 7.35
N GLY A 158 -18.86 14.22 7.17
CA GLY A 158 -20.21 14.24 7.80
C GLY A 158 -21.14 13.24 7.18
N LEU A 159 -20.85 12.71 5.99
CA LEU A 159 -21.68 11.65 5.37
C LEU A 159 -20.96 10.32 5.28
N ALA A 160 -19.72 10.28 5.81
CA ALA A 160 -18.85 9.12 5.59
C ALA A 160 -19.45 7.89 6.24
N VAL A 161 -19.19 6.75 5.64
CA VAL A 161 -19.54 5.42 6.18
C VAL A 161 -18.31 4.54 6.37
N MET A 162 -18.29 3.86 7.51
CA MET A 162 -17.19 2.98 7.92
C MET A 162 -17.58 1.52 7.66
N HIS A 163 -16.66 0.66 7.26
CA HIS A 163 -16.91 -0.81 7.11
C HIS A 163 -16.18 -1.58 8.22
N SER A 164 -15.23 -2.49 7.85
CA SER A 164 -14.38 -3.42 8.67
C SER A 164 -14.41 -4.85 8.11
N ARG A 177 -29.24 14.26 5.34
CA ARG A 177 -28.29 14.75 4.32
C ARG A 177 -28.02 13.65 3.32
N VAL A 178 -27.99 13.98 2.03
CA VAL A 178 -27.55 13.04 0.97
C VAL A 178 -26.44 13.73 0.19
N GLY A 179 -25.78 12.99 -0.69
CA GLY A 179 -24.69 13.57 -1.48
C GLY A 179 -25.17 14.74 -2.34
N THR A 180 -24.21 15.54 -2.79
CA THR A 180 -24.48 16.61 -3.76
C THR A 180 -24.96 15.99 -5.07
N LYS A 181 -26.17 16.39 -5.52
CA LYS A 181 -26.85 15.71 -6.66
CA LYS A 181 -26.83 15.67 -6.63
C LYS A 181 -26.02 15.77 -7.93
N ARG A 182 -25.37 16.88 -8.18
CA ARG A 182 -24.57 17.04 -9.43
C ARG A 182 -23.53 15.93 -9.54
N TYR A 183 -22.99 15.47 -8.41
CA TYR A 183 -21.88 14.50 -8.40
C TYR A 183 -22.38 13.09 -8.12
N MET A 184 -23.69 12.85 -8.07
CA MET A 184 -24.19 11.49 -7.76
C MET A 184 -24.00 10.54 -8.95
N ALA A 185 -23.53 9.34 -8.63
CA ALA A 185 -23.39 8.25 -9.61
C ALA A 185 -24.75 7.76 -10.09
N PRO A 186 -24.79 7.10 -11.26
CA PRO A 186 -26.07 6.67 -11.81
C PRO A 186 -26.86 5.75 -10.88
N GLU A 187 -26.19 4.84 -10.17
CA GLU A 187 -26.88 3.89 -9.27
C GLU A 187 -27.44 4.59 -8.06
N VAL A 188 -26.96 5.77 -7.68
CA VAL A 188 -27.60 6.57 -6.61
C VAL A 188 -28.86 7.23 -7.19
N LEU A 189 -28.75 7.81 -8.36
CA LEU A 189 -29.88 8.53 -9.02
C LEU A 189 -31.01 7.56 -9.36
N ASP A 190 -30.75 6.31 -9.75
CA ASP A 190 -31.80 5.34 -10.17
C ASP A 190 -32.12 4.37 -9.03
N GLU A 191 -31.54 4.60 -7.86
CA GLU A 191 -31.84 3.90 -6.58
C GLU A 191 -31.63 2.39 -6.73
N THR A 192 -30.68 1.97 -7.56
CA THR A 192 -30.27 0.55 -7.73
C THR A 192 -29.01 0.23 -6.93
N ILE A 193 -28.41 1.22 -6.32
CA ILE A 193 -27.18 0.97 -5.51
C ILE A 193 -27.44 -0.19 -4.52
N GLN A 194 -26.48 -1.10 -4.49
CA GLN A 194 -26.45 -2.30 -3.58
C GLN A 194 -26.01 -1.80 -2.21
N VAL A 195 -26.96 -1.36 -1.39
CA VAL A 195 -26.73 -0.60 -0.12
C VAL A 195 -26.14 -1.49 0.97
N ASP A 196 -26.17 -2.82 0.79
CA ASP A 196 -25.63 -3.81 1.76
C ASP A 196 -24.18 -4.19 1.40
N CYS A 197 -23.61 -3.63 0.33
CA CYS A 197 -22.27 -4.02 -0.18
C CYS A 197 -21.38 -2.80 -0.01
N PHE A 198 -20.39 -2.85 0.89
CA PHE A 198 -19.63 -1.62 1.17
C PHE A 198 -18.92 -1.15 -0.11
N ASP A 199 -18.48 -2.04 -0.97
CA ASP A 199 -17.78 -1.67 -2.22
C ASP A 199 -18.68 -0.73 -3.03
N SER A 200 -20.00 -0.86 -2.93
CA SER A 200 -20.91 0.07 -3.65
C SER A 200 -20.55 1.51 -3.32
N TYR A 201 -20.22 1.80 -2.07
CA TYR A 201 -19.99 3.20 -1.66
C TYR A 201 -18.65 3.67 -2.18
N LYS A 202 -17.66 2.79 -2.22
N LYS A 202 -17.66 2.80 -2.21
CA LYS A 202 -16.34 3.15 -2.80
CA LYS A 202 -16.36 3.17 -2.82
C LYS A 202 -16.57 3.50 -4.28
C LYS A 202 -16.61 3.53 -4.29
N ARG A 203 -17.41 2.75 -4.99
CA ARG A 203 -17.59 2.99 -6.44
C ARG A 203 -18.35 4.30 -6.71
N VAL A 204 -19.22 4.71 -5.80
CA VAL A 204 -19.88 6.03 -5.88
C VAL A 204 -18.84 7.12 -5.70
N ASP A 205 -17.86 6.94 -4.80
CA ASP A 205 -16.82 7.95 -4.64
C ASP A 205 -15.97 8.03 -5.92
N ILE A 206 -15.67 6.89 -6.55
CA ILE A 206 -14.85 6.88 -7.77
C ILE A 206 -15.51 7.68 -8.90
N TRP A 207 -16.80 7.52 -9.05
CA TRP A 207 -17.55 8.32 -10.04
C TRP A 207 -17.30 9.81 -9.78
N ALA A 208 -17.49 10.24 -8.54
CA ALA A 208 -17.36 11.65 -8.16
C ALA A 208 -15.89 12.08 -8.37
N PHE A 209 -14.94 11.22 -8.05
CA PHE A 209 -13.51 11.53 -8.31
C PHE A 209 -13.28 11.79 -9.79
N GLY A 210 -13.89 10.99 -10.65
CA GLY A 210 -13.72 11.22 -12.09
C GLY A 210 -14.21 12.60 -12.49
N LEU A 211 -15.34 13.03 -11.94
CA LEU A 211 -15.85 14.40 -12.22
C LEU A 211 -14.87 15.47 -11.74
N VAL A 212 -14.30 15.29 -10.56
CA VAL A 212 -13.28 16.23 -10.05
C VAL A 212 -12.06 16.25 -10.96
N LEU A 213 -11.64 15.08 -11.42
N LEU A 213 -11.60 15.07 -11.41
CA LEU A 213 -10.48 14.99 -12.33
CA LEU A 213 -10.48 14.97 -12.39
C LEU A 213 -10.78 15.79 -13.62
C LEU A 213 -10.81 15.87 -13.58
N TRP A 214 -12.00 15.71 -14.15
CA TRP A 214 -12.44 16.50 -15.31
C TRP A 214 -12.39 17.98 -15.00
N GLU A 215 -12.88 18.40 -13.85
CA GLU A 215 -12.88 19.84 -13.47
C GLU A 215 -11.46 20.41 -13.46
N VAL A 216 -10.52 19.63 -12.97
CA VAL A 216 -9.12 20.08 -12.80
C VAL A 216 -8.44 20.07 -14.16
N ALA A 217 -8.61 19.00 -14.92
CA ALA A 217 -7.93 18.81 -16.23
C ALA A 217 -8.29 19.98 -17.16
N ARG A 218 -9.52 20.44 -17.14
CA ARG A 218 -9.96 21.57 -17.96
C ARG A 218 -9.02 22.78 -17.75
N ARG A 219 -8.53 22.97 -16.54
CA ARG A 219 -7.75 24.17 -16.19
C ARG A 219 -6.25 23.98 -16.46
N MET A 220 -5.84 22.86 -16.97
CA MET A 220 -4.43 22.57 -17.36
C MET A 220 -4.22 23.13 -18.76
N VAL A 221 -3.21 24.00 -18.91
CA VAL A 221 -2.87 24.61 -20.23
C VAL A 221 -2.15 23.59 -21.09
N SER A 222 -2.51 23.51 -22.37
CA SER A 222 -1.69 22.80 -23.38
C SER A 222 -1.74 23.60 -24.68
N ASN A 223 -0.57 23.78 -25.28
CA ASN A 223 -0.51 24.40 -26.64
C ASN A 223 -1.21 25.75 -26.53
N GLY A 224 -1.08 26.49 -25.40
CA GLY A 224 -1.67 27.82 -25.25
C GLY A 224 -3.17 27.88 -25.05
N ILE A 225 -3.80 26.73 -24.82
CA ILE A 225 -5.28 26.62 -24.72
C ILE A 225 -5.60 26.15 -23.30
N VAL A 226 -6.70 26.65 -22.78
CA VAL A 226 -7.28 26.16 -21.51
C VAL A 226 -8.79 26.32 -21.58
N GLU A 227 -9.54 25.45 -20.92
CA GLU A 227 -10.99 25.71 -20.79
C GLU A 227 -11.26 26.58 -19.56
N ASP A 228 -12.32 27.35 -19.61
CA ASP A 228 -12.83 28.09 -18.45
C ASP A 228 -13.29 27.08 -17.37
N TYR A 229 -13.24 27.50 -16.13
CA TYR A 229 -13.79 26.64 -15.06
C TYR A 229 -15.27 26.47 -15.30
N LYS A 230 -15.70 25.22 -15.26
CA LYS A 230 -17.14 24.88 -15.21
C LYS A 230 -17.32 23.69 -14.29
N PRO A 231 -18.49 23.60 -13.63
CA PRO A 231 -18.81 22.43 -12.85
C PRO A 231 -19.26 21.31 -13.75
N PRO A 232 -19.16 20.05 -13.28
CA PRO A 232 -19.62 18.92 -14.10
C PRO A 232 -21.09 19.13 -14.51
N PHE A 233 -21.37 18.82 -15.78
CA PHE A 233 -22.74 18.83 -16.36
C PHE A 233 -23.27 20.25 -16.49
N TYR A 234 -22.43 21.27 -16.45
CA TYR A 234 -22.85 22.69 -16.56
C TYR A 234 -23.70 22.94 -17.80
N ASP A 235 -23.48 22.17 -18.83
CA ASP A 235 -24.10 22.38 -20.16
C ASP A 235 -25.38 21.61 -20.33
N VAL A 236 -25.78 20.80 -19.37
CA VAL A 236 -26.98 19.94 -19.54
C VAL A 236 -27.94 19.97 -18.39
N VAL A 237 -27.62 20.62 -17.26
CA VAL A 237 -28.56 20.72 -16.13
C VAL A 237 -28.54 22.14 -15.65
N PRO A 238 -29.61 22.59 -14.96
CA PRO A 238 -29.60 23.90 -14.34
C PRO A 238 -28.70 24.00 -13.09
N ASN A 239 -28.53 25.21 -12.59
CA ASN A 239 -28.00 25.38 -11.23
C ASN A 239 -28.93 24.68 -10.27
N ASP A 240 -28.42 24.08 -9.20
CA ASP A 240 -29.19 23.34 -8.19
C ASP A 240 -30.09 22.36 -8.91
N PRO A 241 -29.50 21.45 -9.70
CA PRO A 241 -30.28 20.51 -10.48
C PRO A 241 -31.08 19.57 -9.58
N SER A 242 -32.29 19.24 -10.01
CA SER A 242 -33.10 18.30 -9.24
C SER A 242 -32.57 16.89 -9.40
N PHE A 243 -33.03 15.96 -8.57
N PHE A 243 -33.05 16.02 -8.56
CA PHE A 243 -32.77 14.52 -8.76
CA PHE A 243 -32.79 14.59 -8.66
C PHE A 243 -33.19 14.11 -10.15
C PHE A 243 -33.21 14.10 -10.05
N GLU A 244 -34.39 14.52 -10.56
CA GLU A 244 -34.89 14.11 -11.89
C GLU A 244 -33.99 14.67 -13.01
N ASP A 245 -33.57 15.93 -12.88
CA ASP A 245 -32.71 16.55 -13.90
C ASP A 245 -31.48 15.64 -14.05
N MET A 246 -30.88 15.30 -12.93
CA MET A 246 -29.65 14.47 -12.96
C MET A 246 -29.90 13.05 -13.46
N ARG A 247 -31.00 12.42 -13.04
CA ARG A 247 -31.30 11.06 -13.46
C ARG A 247 -31.48 11.01 -14.98
N LYS A 248 -32.15 12.00 -15.57
CA LYS A 248 -32.39 11.97 -17.04
CA LYS A 248 -32.39 12.00 -17.04
C LYS A 248 -31.04 12.06 -17.77
N VAL A 249 -30.14 12.92 -17.31
CA VAL A 249 -28.83 13.08 -17.97
C VAL A 249 -28.01 11.80 -17.81
N VAL A 250 -27.81 11.39 -16.56
CA VAL A 250 -26.79 10.37 -16.21
C VAL A 250 -27.29 8.96 -16.43
N CYS A 251 -28.56 8.71 -16.14
CA CYS A 251 -29.15 7.34 -16.18
C CYS A 251 -29.84 7.11 -17.52
N VAL A 252 -30.72 8.00 -17.93
CA VAL A 252 -31.60 7.70 -19.07
C VAL A 252 -30.80 7.95 -20.34
N ASP A 253 -30.24 9.13 -20.49
CA ASP A 253 -29.48 9.47 -21.71
C ASP A 253 -28.03 9.00 -21.62
N GLN A 254 -27.53 8.72 -20.42
CA GLN A 254 -26.17 8.18 -20.21
C GLN A 254 -25.11 9.17 -20.73
N GLN A 255 -25.36 10.47 -20.56
CA GLN A 255 -24.36 11.51 -20.89
C GLN A 255 -23.18 11.45 -19.92
N ARG A 256 -22.03 11.88 -20.43
CA ARG A 256 -20.80 12.04 -19.63
C ARG A 256 -20.20 13.37 -20.01
N PRO A 257 -19.38 13.96 -19.13
CA PRO A 257 -18.71 15.21 -19.46
C PRO A 257 -17.91 15.09 -20.77
N ASN A 258 -17.92 16.15 -21.53
N ASN A 258 -17.91 16.21 -21.50
CA ASN A 258 -17.26 16.10 -22.84
CA ASN A 258 -17.21 16.40 -22.81
C ASN A 258 -15.76 16.34 -22.69
C ASN A 258 -15.68 16.33 -22.63
N ILE A 259 -14.99 15.64 -23.52
CA ILE A 259 -13.51 15.74 -23.59
C ILE A 259 -13.19 16.62 -24.79
N PRO A 260 -12.62 17.83 -24.60
CA PRO A 260 -12.29 18.70 -25.73
C PRO A 260 -11.23 18.07 -26.63
N ASN A 261 -11.34 18.36 -27.92
CA ASN A 261 -10.35 17.89 -28.90
C ASN A 261 -8.91 18.25 -28.49
N ARG A 262 -8.73 19.45 -27.97
CA ARG A 262 -7.35 19.94 -27.66
C ARG A 262 -6.67 19.01 -26.67
N TRP A 263 -7.39 18.24 -25.86
CA TRP A 263 -6.72 17.33 -24.92
C TRP A 263 -5.92 16.26 -25.67
N PHE A 264 -6.37 15.86 -26.87
CA PHE A 264 -5.78 14.73 -27.61
C PHE A 264 -4.47 15.14 -28.29
N SER A 265 -4.07 16.41 -28.22
CA SER A 265 -2.72 16.87 -28.63
C SER A 265 -1.74 16.83 -27.46
N ASP A 266 -2.20 16.55 -26.23
CA ASP A 266 -1.33 16.64 -25.04
C ASP A 266 -1.26 15.27 -24.39
N PRO A 267 -0.08 14.65 -24.18
CA PRO A 267 -0.05 13.28 -23.67
C PRO A 267 -0.65 13.16 -22.26
N THR A 268 -0.44 14.17 -21.41
CA THR A 268 -0.99 14.12 -20.02
C THR A 268 -2.51 14.14 -20.08
N LEU A 269 -3.08 15.06 -20.83
CA LEU A 269 -4.57 15.17 -20.88
C LEU A 269 -5.15 13.96 -21.60
N THR A 270 -4.46 13.40 -22.59
CA THR A 270 -4.94 12.17 -23.25
C THR A 270 -5.02 11.04 -22.21
N SER A 271 -4.00 10.88 -21.36
CA SER A 271 -3.99 9.86 -20.31
C SER A 271 -5.08 10.14 -19.26
N LEU A 272 -5.26 11.41 -18.90
CA LEU A 272 -6.29 11.79 -17.90
C LEU A 272 -7.71 11.53 -18.47
N ALA A 273 -7.93 11.80 -19.75
CA ALA A 273 -9.24 11.51 -20.35
C ALA A 273 -9.54 10.01 -20.22
N LYS A 274 -8.56 9.15 -20.49
CA LYS A 274 -8.75 7.69 -20.39
C LYS A 274 -9.13 7.33 -18.96
N LEU A 275 -8.42 7.93 -18.01
CA LEU A 275 -8.63 7.61 -16.59
C LEU A 275 -10.03 8.03 -16.18
N MET A 276 -10.44 9.23 -16.53
CA MET A 276 -11.76 9.71 -16.09
C MET A 276 -12.85 8.84 -16.75
N LYS A 277 -12.70 8.39 -17.99
CA LYS A 277 -13.66 7.44 -18.64
C LYS A 277 -13.81 6.18 -17.80
N GLU A 278 -12.72 5.71 -17.18
N GLU A 278 -12.72 5.70 -17.19
CA GLU A 278 -12.74 4.44 -16.42
CA GLU A 278 -12.69 4.43 -16.42
C GLU A 278 -13.22 4.65 -14.99
C GLU A 278 -13.28 4.64 -15.02
N CYS A 279 -13.58 5.88 -14.65
CA CYS A 279 -14.31 6.19 -13.39
C CYS A 279 -15.82 6.32 -13.64
N TRP A 280 -16.25 6.35 -14.89
CA TRP A 280 -17.66 6.73 -15.26
C TRP A 280 -18.44 5.60 -15.91
N TYR A 281 -17.95 4.38 -15.86
CA TYR A 281 -18.73 3.23 -16.39
C TYR A 281 -20.08 3.21 -15.70
N GLN A 282 -21.15 2.90 -16.47
CA GLN A 282 -22.50 2.71 -15.88
C GLN A 282 -22.45 1.57 -14.86
N ASN A 283 -21.74 0.51 -15.16
CA ASN A 283 -21.59 -0.66 -14.29
C ASN A 283 -20.56 -0.29 -13.20
N PRO A 284 -21.02 -0.12 -11.95
CA PRO A 284 -20.12 0.31 -10.88
C PRO A 284 -18.92 -0.60 -10.72
N SER A 285 -19.08 -1.92 -10.93
CA SER A 285 -17.97 -2.84 -10.68
C SER A 285 -16.90 -2.74 -11.80
N ALA A 286 -17.15 -2.06 -12.92
CA ALA A 286 -16.15 -1.85 -13.99
C ALA A 286 -15.22 -0.68 -13.68
N ARG A 287 -15.61 0.17 -12.71
CA ARG A 287 -14.83 1.38 -12.45
C ARG A 287 -13.49 0.99 -11.79
N LEU A 288 -12.49 1.79 -12.07
CA LEU A 288 -11.16 1.67 -11.45
C LEU A 288 -11.30 1.82 -9.93
N THR A 289 -10.38 1.24 -9.18
CA THR A 289 -10.21 1.48 -7.75
C THR A 289 -9.28 2.68 -7.55
N ALA A 290 -9.38 3.32 -6.37
CA ALA A 290 -8.48 4.45 -6.03
C ALA A 290 -7.01 4.03 -6.11
N LEU A 291 -6.70 2.81 -5.67
CA LEU A 291 -5.29 2.33 -5.76
C LEU A 291 -4.85 2.22 -7.21
N ARG A 292 -5.71 1.71 -8.09
CA ARG A 292 -5.35 1.62 -9.52
C ARG A 292 -5.20 3.03 -10.12
N ILE A 293 -6.06 3.96 -9.73
CA ILE A 293 -5.91 5.36 -10.20
C ILE A 293 -4.54 5.91 -9.78
N LYS A 294 -4.16 5.72 -8.51
CA LYS A 294 -2.84 6.18 -8.07
C LYS A 294 -1.75 5.63 -8.96
N LYS A 295 -1.78 4.32 -9.18
CA LYS A 295 -0.69 3.70 -9.97
C LYS A 295 -0.65 4.34 -11.36
N THR A 296 -1.82 4.49 -12.00
CA THR A 296 -1.87 5.08 -13.36
C THR A 296 -1.28 6.49 -13.31
N LEU A 297 -1.64 7.27 -12.33
CA LEU A 297 -1.16 8.66 -12.24
C LEU A 297 0.36 8.70 -12.01
N THR A 298 0.93 7.74 -11.30
CA THR A 298 2.40 7.75 -11.09
C THR A 298 3.13 7.45 -12.40
N LYS A 299 2.47 6.83 -13.38
CA LYS A 299 3.13 6.43 -14.64
C LYS A 299 2.89 7.51 -15.70
N ILE A 300 2.11 8.56 -15.40
CA ILE A 300 1.88 9.67 -16.37
C ILE A 300 3.01 10.68 -16.20
N ASP A 301 3.75 10.94 -17.28
CA ASP A 301 4.84 11.94 -17.41
C ASP A 301 6.09 11.45 -16.69
N ALA B 7 12.48 -39.32 24.14
CA ALA B 7 13.15 -38.14 24.76
C ALA B 7 12.68 -36.85 24.06
N ARG B 8 12.01 -35.97 24.81
CA ARG B 8 11.36 -34.73 24.29
C ARG B 8 11.94 -33.50 24.99
N ASP B 9 12.68 -33.64 26.09
CA ASP B 9 13.14 -32.48 26.91
C ASP B 9 14.16 -31.61 26.16
N ILE B 10 14.15 -30.30 26.47
CA ILE B 10 14.98 -29.26 25.79
C ILE B 10 15.57 -28.32 26.84
N THR B 11 16.85 -28.00 26.73
CA THR B 11 17.49 -26.96 27.58
C THR B 11 17.73 -25.67 26.76
N LEU B 12 17.23 -24.52 27.19
CA LEU B 12 17.49 -23.25 26.50
C LEU B 12 18.82 -22.69 27.01
N LEU B 13 19.78 -22.47 26.12
CA LEU B 13 21.17 -22.12 26.50
C LEU B 13 21.45 -20.64 26.27
N GLU B 14 21.15 -20.11 25.08
CA GLU B 14 21.38 -18.66 24.83
C GLU B 14 20.39 -18.10 23.82
N CYS B 15 20.04 -16.85 24.03
CA CYS B 15 19.22 -16.09 23.08
C CYS B 15 20.09 -15.65 21.90
N VAL B 16 19.71 -16.00 20.67
CA VAL B 16 20.48 -15.67 19.44
C VAL B 16 19.72 -14.61 18.63
N GLY B 17 18.60 -14.13 19.13
CA GLY B 17 17.75 -13.20 18.38
C GLY B 17 16.50 -12.81 19.14
N LYS B 18 16.12 -11.54 19.08
CA LYS B 18 14.94 -11.02 19.82
C LYS B 18 14.45 -9.81 19.04
N GLY B 19 13.14 -9.73 18.84
CA GLY B 19 12.50 -8.62 18.11
C GLY B 19 10.99 -8.65 18.31
N ARG B 20 10.28 -7.95 17.44
CA ARG B 20 8.79 -7.87 17.45
C ARG B 20 8.20 -9.27 17.19
N TYR B 21 8.89 -10.14 16.49
CA TYR B 21 8.40 -11.50 16.16
C TYR B 21 8.38 -12.38 17.44
N GLY B 22 9.25 -12.09 18.40
CA GLY B 22 9.47 -12.99 19.55
C GLY B 22 10.95 -13.18 19.74
N GLU B 23 11.41 -14.42 19.90
CA GLU B 23 12.87 -14.60 20.15
C GLU B 23 13.26 -16.01 19.76
N VAL B 24 14.53 -16.17 19.43
CA VAL B 24 15.08 -17.49 19.07
C VAL B 24 16.20 -17.80 20.06
N TRP B 25 16.21 -19.04 20.50
CA TRP B 25 17.20 -19.58 21.44
C TRP B 25 17.97 -20.70 20.77
N ARG B 26 19.25 -20.75 21.05
CA ARG B 26 19.99 -22.02 20.91
C ARG B 26 19.67 -22.88 22.13
N GLY B 27 19.19 -24.09 21.91
CA GLY B 27 18.95 -25.06 22.99
C GLY B 27 19.62 -26.38 22.73
N SER B 28 19.57 -27.27 23.72
CA SER B 28 20.07 -28.66 23.62
C SER B 28 18.91 -29.65 23.68
N TRP B 29 18.87 -30.65 22.79
CA TRP B 29 17.79 -31.68 22.72
C TRP B 29 18.45 -32.98 22.27
N GLN B 30 18.39 -34.04 23.08
CA GLN B 30 19.01 -35.35 22.76
C GLN B 30 20.48 -35.10 22.39
N GLY B 31 21.18 -34.26 23.17
CA GLY B 31 22.62 -33.98 23.02
C GLY B 31 23.00 -33.03 21.87
N GLU B 32 22.05 -32.66 21.00
CA GLU B 32 22.29 -31.88 19.75
C GLU B 32 21.77 -30.43 19.94
N ASN B 33 22.41 -29.46 19.33
CA ASN B 33 21.92 -28.07 19.26
C ASN B 33 20.60 -28.10 18.49
N VAL B 34 19.64 -27.32 18.97
CA VAL B 34 18.36 -27.05 18.23
C VAL B 34 18.12 -25.55 18.34
N ALA B 35 17.30 -25.02 17.41
CA ALA B 35 16.83 -23.65 17.48
C ALA B 35 15.39 -23.67 18.01
N VAL B 36 15.10 -22.83 18.98
CA VAL B 36 13.76 -22.76 19.58
C VAL B 36 13.26 -21.34 19.40
N LYS B 37 12.23 -21.16 18.57
CA LYS B 37 11.59 -19.85 18.37
C LYS B 37 10.37 -19.78 19.28
N ILE B 38 10.30 -18.73 20.09
CA ILE B 38 9.14 -18.47 20.95
C ILE B 38 8.45 -17.25 20.40
N PHE B 39 7.27 -17.41 19.86
CA PHE B 39 6.59 -16.32 19.13
C PHE B 39 6.02 -15.29 20.08
N SER B 40 5.96 -14.03 19.65
CA SER B 40 5.17 -13.05 20.41
C SER B 40 3.69 -13.36 20.20
N SER B 41 2.80 -13.03 21.15
CA SER B 41 1.33 -13.23 20.92
C SER B 41 0.85 -12.37 19.76
N ARG B 42 1.53 -11.28 19.49
CA ARG B 42 1.19 -10.39 18.36
C ARG B 42 1.32 -11.22 17.05
N ASP B 43 2.08 -12.32 17.05
CA ASP B 43 2.38 -13.01 15.78
C ASP B 43 1.87 -14.47 15.81
N GLU B 44 0.81 -14.69 16.55
CA GLU B 44 0.24 -16.03 16.75
C GLU B 44 -0.19 -16.60 15.40
N LYS B 45 -0.61 -15.80 14.43
CA LYS B 45 -1.08 -16.33 13.14
C LYS B 45 0.11 -16.86 12.31
N SER B 46 1.29 -16.29 12.46
CA SER B 46 2.50 -16.84 11.81
C SER B 46 2.83 -18.21 12.39
N TRP B 47 2.78 -18.37 13.70
CA TRP B 47 3.07 -19.67 14.33
C TRP B 47 2.14 -20.74 13.73
N PHE B 48 0.85 -20.46 13.66
CA PHE B 48 -0.10 -21.46 13.14
C PHE B 48 0.16 -21.74 11.67
N ARG B 49 0.43 -20.72 10.87
CA ARG B 49 0.69 -20.92 9.45
C ARG B 49 1.93 -21.78 9.24
N GLU B 50 3.00 -21.50 9.97
CA GLU B 50 4.25 -22.24 9.84
C GLU B 50 3.99 -23.70 10.18
N THR B 51 3.18 -23.93 11.21
CA THR B 51 2.80 -25.28 11.66
C THR B 51 2.01 -25.99 10.55
N GLU B 52 1.06 -25.31 9.92
CA GLU B 52 0.32 -25.91 8.76
C GLU B 52 1.34 -26.30 7.70
N LEU B 53 2.33 -25.43 7.39
CA LEU B 53 3.28 -25.72 6.30
C LEU B 53 4.17 -26.91 6.64
N TYR B 54 4.65 -26.97 7.86
CA TYR B 54 5.56 -28.07 8.26
C TYR B 54 4.86 -29.40 8.50
N ASN B 55 3.53 -29.44 8.51
CA ASN B 55 2.77 -30.71 8.52
C ASN B 55 3.11 -31.53 7.28
N THR B 56 3.50 -30.89 6.17
CA THR B 56 3.79 -31.57 4.88
C THR B 56 5.13 -32.32 4.93
N VAL B 57 5.13 -33.65 5.03
CA VAL B 57 6.37 -34.45 5.00
C VAL B 57 7.19 -34.14 3.73
N MET B 58 6.60 -33.95 2.56
CA MET B 58 7.41 -33.70 1.31
C MET B 58 7.90 -32.25 1.18
N LEU B 59 7.63 -31.39 2.16
CA LEU B 59 8.33 -30.09 2.24
C LEU B 59 9.82 -30.28 2.52
N ARG B 60 10.23 -31.32 3.25
CA ARG B 60 11.64 -31.55 3.64
C ARG B 60 12.57 -31.43 2.44
N HIS B 61 13.65 -30.69 2.60
CA HIS B 61 14.59 -30.40 1.50
C HIS B 61 15.85 -29.81 2.12
N GLU B 62 16.99 -30.13 1.50
CA GLU B 62 18.31 -29.65 1.97
C GLU B 62 18.32 -28.12 2.11
N ASN B 63 17.54 -27.39 1.30
CA ASN B 63 17.61 -25.91 1.28
C ASN B 63 16.34 -25.32 1.92
N ILE B 64 15.64 -26.03 2.79
CA ILE B 64 14.52 -25.50 3.60
C ILE B 64 14.88 -25.85 5.04
N LEU B 65 14.78 -24.90 5.92
CA LEU B 65 15.05 -25.11 7.36
C LEU B 65 14.26 -26.31 7.87
N GLY B 66 15.00 -27.27 8.45
CA GLY B 66 14.43 -28.54 8.91
C GLY B 66 13.67 -28.41 10.23
N PHE B 67 12.44 -28.85 10.21
CA PHE B 67 11.51 -28.86 11.32
C PHE B 67 11.68 -30.05 12.26
N ILE B 68 11.60 -29.82 13.56
CA ILE B 68 11.57 -30.90 14.57
C ILE B 68 10.19 -30.96 15.22
N ALA B 69 9.70 -29.84 15.77
CA ALA B 69 8.40 -29.89 16.48
C ALA B 69 7.79 -28.50 16.52
N SER B 70 6.48 -28.45 16.73
CA SER B 70 5.74 -27.20 16.98
C SER B 70 4.82 -27.45 18.18
N ASP B 71 4.75 -26.49 19.07
CA ASP B 71 3.88 -26.64 20.26
C ASP B 71 3.18 -25.33 20.54
N MET B 72 1.92 -25.49 20.96
CA MET B 72 1.17 -24.44 21.66
C MET B 72 0.87 -24.93 23.07
N THR B 73 1.32 -24.20 24.09
CA THR B 73 1.14 -24.62 25.50
C THR B 73 0.39 -23.51 26.21
N SER B 74 -0.44 -23.89 27.18
CA SER B 74 -1.16 -22.87 27.96
C SER B 74 -1.52 -23.38 29.34
N ARG B 75 -1.45 -22.48 30.29
CA ARG B 75 -2.13 -22.64 31.59
C ARG B 75 -2.78 -21.29 31.92
N HIS B 76 -3.99 -21.34 32.43
CA HIS B 76 -4.73 -20.11 32.75
C HIS B 76 -4.80 -19.23 31.50
N SER B 77 -4.43 -17.95 31.53
CA SER B 77 -4.62 -17.09 30.37
C SER B 77 -3.31 -16.90 29.60
N SER B 78 -2.27 -17.65 29.93
CA SER B 78 -0.92 -17.50 29.35
C SER B 78 -0.81 -18.58 28.26
N THR B 79 -0.40 -18.21 27.04
CA THR B 79 -0.12 -19.14 25.95
C THR B 79 1.29 -18.96 25.46
N GLN B 80 2.01 -20.03 25.26
CA GLN B 80 3.32 -19.99 24.60
C GLN B 80 3.24 -20.74 23.28
N LEU B 81 3.96 -20.19 22.31
CA LEU B 81 3.99 -20.76 20.95
C LEU B 81 5.43 -21.03 20.56
N TRP B 82 5.73 -22.29 20.28
CA TRP B 82 7.11 -22.78 20.12
C TRP B 82 7.25 -23.38 18.73
N LEU B 83 8.37 -23.09 18.06
CA LEU B 83 8.79 -23.83 16.86
C LEU B 83 10.21 -24.30 17.11
N ILE B 84 10.48 -25.60 16.95
CA ILE B 84 11.82 -26.19 17.17
C ILE B 84 12.33 -26.69 15.84
N THR B 85 13.51 -26.24 15.44
CA THR B 85 14.13 -26.60 14.14
C THR B 85 15.60 -27.02 14.35
N HIS B 86 16.21 -27.46 13.29
CA HIS B 86 17.69 -27.52 13.18
C HIS B 86 18.29 -26.16 13.53
N TYR B 87 19.50 -26.20 14.07
CA TYR B 87 20.28 -25.01 14.47
C TYR B 87 21.45 -24.84 13.50
N HIS B 88 21.64 -23.62 12.99
CA HIS B 88 22.74 -23.30 12.05
C HIS B 88 23.63 -22.28 12.73
N GLU B 89 24.78 -22.74 13.27
CA GLU B 89 25.63 -21.88 14.11
C GLU B 89 26.26 -20.75 13.31
N MET B 90 26.34 -20.84 12.00
CA MET B 90 26.87 -19.75 11.15
C MET B 90 25.87 -18.62 11.01
N GLY B 91 24.62 -18.82 11.45
CA GLY B 91 23.65 -17.72 11.45
C GLY B 91 23.02 -17.48 10.09
N SER B 92 22.46 -16.30 9.92
CA SER B 92 21.74 -15.97 8.66
C SER B 92 22.74 -15.47 7.62
N LEU B 93 22.32 -15.52 6.38
CA LEU B 93 23.09 -14.96 5.26
C LEU B 93 23.37 -13.48 5.51
N TYR B 94 22.43 -12.74 6.06
CA TYR B 94 22.60 -11.32 6.42
C TYR B 94 23.80 -11.18 7.36
N ASP B 95 23.86 -12.02 8.40
CA ASP B 95 25.00 -11.98 9.35
C ASP B 95 26.30 -12.33 8.62
N TYR B 96 26.26 -13.37 7.82
CA TYR B 96 27.45 -13.96 7.18
C TYR B 96 28.10 -12.96 6.24
N LEU B 97 27.30 -12.29 5.41
CA LEU B 97 27.80 -11.35 4.39
C LEU B 97 28.44 -10.11 5.01
N GLN B 98 28.15 -9.85 6.28
N GLN B 98 28.27 -9.78 6.28
CA GLN B 98 28.67 -8.66 7.03
CA GLN B 98 28.92 -8.52 6.79
C GLN B 98 30.18 -8.83 7.10
C GLN B 98 30.33 -8.83 7.30
N LEU B 99 30.68 -10.08 7.29
CA LEU B 99 32.01 -10.43 7.88
C LEU B 99 32.89 -11.23 6.94
N THR B 100 32.42 -11.54 5.74
CA THR B 100 33.08 -12.45 4.79
CA THR B 100 33.27 -12.29 4.80
C THR B 100 32.94 -11.85 3.39
N THR B 101 33.97 -11.94 2.58
CA THR B 101 33.85 -11.84 1.13
C THR B 101 33.79 -13.22 0.53
N LEU B 102 33.37 -13.30 -0.71
CA LEU B 102 33.17 -14.57 -1.43
C LEU B 102 34.07 -14.68 -2.64
N ASP B 103 34.45 -15.89 -2.99
CA ASP B 103 34.99 -16.16 -4.34
C ASP B 103 33.86 -16.66 -5.25
N THR B 104 34.17 -16.87 -6.50
CA THR B 104 33.18 -17.26 -7.53
C THR B 104 32.45 -18.51 -7.07
N VAL B 105 33.18 -19.54 -6.67
CA VAL B 105 32.59 -20.84 -6.31
C VAL B 105 31.65 -20.65 -5.12
N SER B 106 32.03 -19.94 -4.08
N SER B 106 32.04 -19.90 -4.09
CA SER B 106 31.21 -19.75 -2.88
CA SER B 106 31.25 -19.74 -2.84
C SER B 106 29.97 -18.92 -3.25
C SER B 106 30.06 -18.79 -3.05
N CYS B 107 30.16 -17.84 -3.99
CA CYS B 107 29.00 -16.99 -4.38
C CYS B 107 27.98 -17.85 -5.15
N LEU B 108 28.43 -18.61 -6.14
CA LEU B 108 27.47 -19.41 -6.94
C LEU B 108 26.85 -20.52 -6.08
N ARG B 109 27.58 -21.15 -5.19
CA ARG B 109 27.04 -22.19 -4.32
C ARG B 109 25.92 -21.59 -3.46
N ILE B 110 26.12 -20.43 -2.89
CA ILE B 110 25.10 -19.80 -2.03
C ILE B 110 23.87 -19.54 -2.91
N VAL B 111 24.03 -18.84 -4.01
CA VAL B 111 22.80 -18.39 -4.73
C VAL B 111 22.09 -19.56 -5.41
N LEU B 112 22.80 -20.56 -5.91
CA LEU B 112 22.17 -21.76 -6.47
C LEU B 112 21.42 -22.49 -5.36
N SER B 113 21.96 -22.55 -4.14
CA SER B 113 21.26 -23.28 -3.07
C SER B 113 19.93 -22.58 -2.77
N ILE B 114 19.92 -21.25 -2.77
CA ILE B 114 18.67 -20.52 -2.45
C ILE B 114 17.70 -20.72 -3.60
N ALA B 115 18.17 -20.66 -4.83
CA ALA B 115 17.29 -20.94 -5.98
C ALA B 115 16.70 -22.35 -5.90
N SER B 116 17.49 -23.33 -5.47
N SER B 116 17.50 -23.31 -5.46
CA SER B 116 17.01 -24.72 -5.37
CA SER B 116 17.06 -24.72 -5.36
C SER B 116 15.93 -24.81 -4.30
C SER B 116 15.97 -24.82 -4.29
N GLY B 117 16.14 -24.17 -3.15
CA GLY B 117 15.10 -24.14 -2.11
C GLY B 117 13.84 -23.44 -2.61
N LEU B 118 14.00 -22.34 -3.34
CA LEU B 118 12.82 -21.57 -3.78
C LEU B 118 12.07 -22.31 -4.88
N ALA B 119 12.76 -22.96 -5.78
CA ALA B 119 12.11 -23.78 -6.81
C ALA B 119 11.39 -24.94 -6.15
N HIS B 120 12.00 -25.56 -5.15
CA HIS B 120 11.35 -26.62 -4.38
C HIS B 120 10.05 -26.11 -3.76
N LEU B 121 10.08 -24.94 -3.14
CA LEU B 121 8.82 -24.36 -2.61
C LEU B 121 7.83 -24.18 -3.76
N HIS B 122 8.21 -23.48 -4.82
CA HIS B 122 7.26 -23.03 -5.87
C HIS B 122 6.63 -24.20 -6.63
N ILE B 123 7.33 -25.32 -6.77
CA ILE B 123 6.87 -26.41 -7.70
C ILE B 123 6.06 -27.42 -6.89
N GLU B 124 4.83 -27.74 -7.35
CA GLU B 124 3.95 -28.72 -6.68
C GLU B 124 4.50 -30.17 -6.84
N ILE B 125 4.46 -30.99 -5.80
CA ILE B 125 4.76 -32.47 -5.84
C ILE B 125 3.41 -33.21 -5.60
N PHE B 126 3.14 -34.21 -6.45
CA PHE B 126 1.85 -34.96 -6.55
C PHE B 126 1.96 -36.33 -5.88
N GLY B 130 2.37 -35.80 -0.80
CA GLY B 130 2.58 -34.69 -1.77
C GLY B 130 2.98 -33.39 -1.10
N LYS B 131 3.19 -32.34 -1.90
CA LYS B 131 3.46 -30.98 -1.38
C LYS B 131 2.81 -30.03 -2.37
N PRO B 132 1.98 -29.13 -1.86
CA PRO B 132 1.41 -28.11 -2.72
C PRO B 132 2.50 -27.17 -3.27
N ALA B 133 2.19 -26.40 -4.29
CA ALA B 133 3.01 -25.22 -4.68
C ALA B 133 2.94 -24.25 -3.49
N ILE B 134 4.08 -23.62 -3.16
CA ILE B 134 4.20 -22.75 -1.97
C ILE B 134 4.92 -21.48 -2.40
N ALA B 135 4.35 -20.32 -2.10
CA ALA B 135 5.04 -19.03 -2.20
C ALA B 135 5.33 -18.56 -0.79
N HIS B 136 6.54 -18.04 -0.58
CA HIS B 136 7.09 -17.71 0.74
C HIS B 136 6.51 -16.39 1.30
N ARG B 137 6.67 -15.33 0.53
CA ARG B 137 6.15 -13.95 0.75
C ARG B 137 7.00 -13.13 1.69
N ASP B 138 8.05 -13.66 2.29
CA ASP B 138 8.98 -12.83 3.10
C ASP B 138 10.43 -13.26 2.90
N LEU B 139 10.83 -13.48 1.66
CA LEU B 139 12.22 -13.87 1.37
C LEU B 139 13.11 -12.67 1.60
N LYS B 140 14.21 -12.88 2.32
CA LYS B 140 15.21 -11.81 2.59
C LYS B 140 16.43 -12.49 3.20
N SER B 141 17.54 -11.77 3.29
CA SER B 141 18.78 -12.43 3.74
C SER B 141 18.72 -12.85 5.22
N LYS B 142 17.90 -12.24 6.07
CA LYS B 142 17.76 -12.67 7.48
C LYS B 142 16.96 -13.97 7.56
N ASN B 143 16.21 -14.30 6.52
CA ASN B 143 15.38 -15.52 6.48
C ASN B 143 16.04 -16.66 5.72
N ILE B 144 17.34 -16.53 5.51
CA ILE B 144 18.19 -17.56 4.86
C ILE B 144 19.30 -17.89 5.87
N LEU B 145 19.49 -19.17 6.13
CA LEU B 145 20.56 -19.59 7.06
C LEU B 145 21.70 -20.21 6.27
N VAL B 146 22.92 -19.98 6.77
CA VAL B 146 24.15 -20.55 6.14
C VAL B 146 24.53 -21.84 6.85
N LYS B 147 24.85 -22.85 6.05
CA LYS B 147 25.19 -24.19 6.54
C LYS B 147 26.69 -24.43 6.33
N LYS B 148 27.21 -25.37 7.11
CA LYS B 148 28.68 -25.60 7.08
C LYS B 148 29.13 -26.14 5.73
N ASN B 149 28.26 -26.74 4.93
CA ASN B 149 28.58 -27.18 3.55
C ASN B 149 28.57 -26.07 2.48
N GLY B 150 28.34 -24.81 2.86
CA GLY B 150 28.43 -23.67 1.94
C GLY B 150 27.14 -23.36 1.23
N GLN B 151 26.19 -24.24 1.42
CA GLN B 151 24.81 -23.98 0.97
C GLN B 151 23.99 -23.32 2.07
N CYS B 152 22.84 -22.85 1.67
CA CYS B 152 21.90 -22.14 2.54
C CYS B 152 20.58 -22.88 2.62
N CYS B 153 19.79 -22.51 3.61
CA CYS B 153 18.40 -22.97 3.67
C CYS B 153 17.47 -21.83 3.97
N ILE B 154 16.29 -21.89 3.38
CA ILE B 154 15.23 -20.86 3.56
C ILE B 154 14.38 -21.15 4.79
N ALA B 155 14.12 -20.12 5.55
CA ALA B 155 13.39 -20.19 6.83
C ALA B 155 12.21 -19.22 6.84
N ASP B 156 11.30 -19.47 7.77
CA ASP B 156 10.16 -18.60 8.13
C ASP B 156 9.06 -18.74 7.10
N LEU B 157 8.20 -19.73 7.32
CA LEU B 157 7.07 -20.00 6.42
C LEU B 157 5.78 -19.43 7.00
N GLY B 158 5.83 -18.44 7.90
CA GLY B 158 4.63 -17.89 8.54
C GLY B 158 3.73 -17.07 7.64
N LEU B 159 4.20 -16.63 6.47
CA LEU B 159 3.38 -15.84 5.54
C LEU B 159 3.07 -16.66 4.30
N ALA B 160 3.42 -17.93 4.27
CA ALA B 160 3.37 -18.72 3.01
C ALA B 160 1.91 -18.84 2.50
N VAL B 161 1.79 -18.98 1.20
CA VAL B 161 0.55 -19.25 0.43
C VAL B 161 0.72 -20.59 -0.28
N MET B 162 -0.34 -21.42 -0.24
CA MET B 162 -0.27 -22.77 -0.85
C MET B 162 -1.27 -22.86 -1.99
N HIS B 163 -0.93 -23.61 -3.01
CA HIS B 163 -1.84 -23.81 -4.16
C HIS B 163 -1.71 -25.23 -4.66
N SER B 164 -2.86 -25.84 -4.97
CA SER B 164 -2.85 -27.20 -5.56
C SER B 164 -3.55 -27.13 -6.92
N GLN B 165 -2.78 -27.35 -7.97
CA GLN B 165 -3.23 -27.29 -9.37
C GLN B 165 -4.26 -28.39 -9.60
N SER B 166 -3.99 -29.49 -8.94
CA SER B 166 -4.65 -30.79 -9.10
C SER B 166 -6.12 -30.62 -8.73
N THR B 167 -6.40 -29.81 -7.70
CA THR B 167 -7.74 -29.65 -7.11
C THR B 167 -8.23 -28.21 -7.25
N ASN B 168 -7.45 -27.35 -7.89
CA ASN B 168 -7.79 -25.93 -8.08
C ASN B 168 -8.05 -25.25 -6.73
N GLN B 169 -7.16 -25.43 -5.77
CA GLN B 169 -7.35 -24.82 -4.42
C GLN B 169 -6.21 -23.85 -4.11
N LEU B 170 -6.57 -22.66 -3.63
CA LEU B 170 -5.63 -21.60 -3.22
C LEU B 170 -5.88 -21.31 -1.75
N ASP B 171 -4.85 -21.46 -0.94
CA ASP B 171 -4.95 -21.22 0.51
C ASP B 171 -4.03 -20.05 0.86
N VAL B 172 -4.58 -18.85 1.03
CA VAL B 172 -3.79 -17.62 1.28
C VAL B 172 -3.61 -17.43 2.77
N GLY B 173 -4.24 -18.27 3.56
CA GLY B 173 -4.16 -18.19 5.03
C GLY B 173 -4.89 -16.98 5.56
N ASN B 174 -4.74 -16.79 6.87
CA ASN B 174 -5.35 -15.70 7.66
C ASN B 174 -4.21 -15.13 8.49
N ASN B 175 -3.45 -14.22 7.92
CA ASN B 175 -2.35 -13.55 8.65
C ASN B 175 -2.30 -12.14 8.15
N PRO B 176 -2.52 -11.15 9.03
CA PRO B 176 -2.45 -9.74 8.65
C PRO B 176 -1.01 -9.25 8.50
N ARG B 177 -0.04 -10.05 8.96
CA ARG B 177 1.39 -9.74 8.75
C ARG B 177 1.60 -9.47 7.28
N VAL B 178 2.51 -8.53 6.98
CA VAL B 178 2.98 -8.30 5.60
C VAL B 178 4.49 -8.52 5.53
N GLY B 179 4.97 -8.60 4.32
CA GLY B 179 6.39 -8.82 4.08
C GLY B 179 7.27 -7.70 4.62
N THR B 180 8.55 -7.98 4.72
CA THR B 180 9.54 -6.97 5.12
C THR B 180 9.54 -5.85 4.12
N LYS B 181 9.41 -4.60 4.59
N LYS B 181 9.40 -4.61 4.60
CA LYS B 181 9.09 -3.49 3.65
CA LYS B 181 9.13 -3.46 3.70
C LYS B 181 10.21 -3.30 2.62
C LYS B 181 10.21 -3.32 2.63
N ARG B 182 11.47 -3.43 3.02
CA ARG B 182 12.60 -3.18 2.09
C ARG B 182 12.57 -4.12 0.88
N TYR B 183 11.98 -5.32 1.03
CA TYR B 183 12.00 -6.35 -0.02
C TYR B 183 10.68 -6.45 -0.81
N MET B 184 9.73 -5.58 -0.49
CA MET B 184 8.39 -5.67 -1.12
C MET B 184 8.44 -5.28 -2.59
N ALA B 185 7.83 -6.07 -3.47
CA ALA B 185 7.73 -5.81 -4.90
C ALA B 185 6.86 -4.58 -5.16
N PRO B 186 6.99 -3.98 -6.33
CA PRO B 186 6.19 -2.78 -6.65
C PRO B 186 4.68 -3.02 -6.45
N GLU B 187 4.17 -4.17 -6.87
CA GLU B 187 2.71 -4.47 -6.82
C GLU B 187 2.29 -4.70 -5.39
N VAL B 188 3.19 -5.04 -4.47
CA VAL B 188 2.86 -5.11 -3.03
C VAL B 188 2.82 -3.68 -2.48
N LEU B 189 3.81 -2.86 -2.82
CA LEU B 189 3.90 -1.49 -2.29
C LEU B 189 2.77 -0.62 -2.85
N ASP B 190 2.31 -0.84 -4.06
CA ASP B 190 1.21 0.00 -4.62
C ASP B 190 -0.12 -0.72 -4.40
N GLU B 191 -0.10 -1.91 -3.76
CA GLU B 191 -1.32 -2.64 -3.36
C GLU B 191 -2.16 -2.99 -4.59
N THR B 192 -1.60 -3.15 -5.76
CA THR B 192 -2.36 -3.59 -6.93
C THR B 192 -2.24 -5.10 -7.15
N ILE B 193 -1.39 -5.78 -6.40
CA ILE B 193 -1.23 -7.25 -6.50
C ILE B 193 -2.60 -7.94 -6.55
N GLN B 194 -2.67 -8.95 -7.41
CA GLN B 194 -3.91 -9.72 -7.65
C GLN B 194 -3.97 -10.81 -6.58
N VAL B 195 -4.71 -10.62 -5.51
CA VAL B 195 -4.61 -11.46 -4.27
C VAL B 195 -5.18 -12.87 -4.46
N ASP B 196 -5.96 -13.11 -5.50
CA ASP B 196 -6.59 -14.45 -5.69
C ASP B 196 -5.86 -15.20 -6.80
N CYS B 197 -4.63 -14.78 -7.12
CA CYS B 197 -3.82 -15.36 -8.20
CA CYS B 197 -3.82 -15.42 -8.20
C CYS B 197 -2.52 -15.95 -7.60
N PHE B 198 -2.39 -17.27 -7.56
CA PHE B 198 -1.17 -17.87 -6.95
C PHE B 198 0.09 -17.32 -7.62
N ASP B 199 0.12 -17.24 -8.94
CA ASP B 199 1.33 -16.79 -9.66
C ASP B 199 1.75 -15.42 -9.14
N SER B 200 0.83 -14.55 -8.74
CA SER B 200 1.23 -13.23 -8.20
C SER B 200 2.20 -13.43 -7.04
N TYR B 201 1.95 -14.37 -6.13
CA TYR B 201 2.80 -14.55 -4.94
C TYR B 201 4.16 -15.12 -5.35
N LYS B 202 4.21 -16.02 -6.33
CA LYS B 202 5.54 -16.53 -6.78
C LYS B 202 6.34 -15.35 -7.30
N ARG B 203 5.71 -14.41 -8.01
CA ARG B 203 6.41 -13.30 -8.65
C ARG B 203 6.93 -12.31 -7.59
N VAL B 204 6.26 -12.20 -6.48
CA VAL B 204 6.74 -11.41 -5.33
C VAL B 204 8.02 -12.03 -4.79
N ASP B 205 8.07 -13.35 -4.69
CA ASP B 205 9.28 -14.07 -4.22
C ASP B 205 10.42 -13.85 -5.20
N ILE B 206 10.15 -13.81 -6.49
CA ILE B 206 11.21 -13.60 -7.48
C ILE B 206 11.83 -12.23 -7.34
N TRP B 207 11.03 -11.19 -7.15
CA TRP B 207 11.54 -9.84 -6.89
C TRP B 207 12.49 -9.89 -5.71
N ALA B 208 12.03 -10.47 -4.60
CA ALA B 208 12.84 -10.47 -3.37
C ALA B 208 14.11 -11.30 -3.61
N PHE B 209 14.02 -12.41 -4.33
CA PHE B 209 15.23 -13.22 -4.61
CA PHE B 209 15.21 -13.23 -4.67
C PHE B 209 16.21 -12.35 -5.41
N GLY B 210 15.76 -11.55 -6.37
CA GLY B 210 16.70 -10.65 -7.08
C GLY B 210 17.43 -9.77 -6.12
N LEU B 211 16.75 -9.22 -5.13
CA LEU B 211 17.40 -8.34 -4.15
C LEU B 211 18.45 -9.15 -3.39
N VAL B 212 18.15 -10.37 -2.95
CA VAL B 212 19.11 -11.22 -2.23
C VAL B 212 20.30 -11.56 -3.15
N LEU B 213 20.07 -11.84 -4.43
N LEU B 213 20.07 -11.79 -4.42
CA LEU B 213 21.20 -12.07 -5.38
CA LEU B 213 21.19 -12.09 -5.35
C LEU B 213 22.12 -10.84 -5.34
C LEU B 213 22.11 -10.86 -5.47
N TRP B 214 21.56 -9.64 -5.44
CA TRP B 214 22.34 -8.39 -5.43
C TRP B 214 23.14 -8.31 -4.14
N GLU B 215 22.55 -8.61 -2.99
CA GLU B 215 23.22 -8.50 -1.69
C GLU B 215 24.47 -9.39 -1.70
N VAL B 216 24.30 -10.60 -2.19
CA VAL B 216 25.37 -11.64 -2.23
C VAL B 216 26.45 -11.19 -3.21
N ALA B 217 26.06 -10.85 -4.43
CA ALA B 217 27.01 -10.54 -5.52
C ALA B 217 27.94 -9.41 -5.13
N ARG B 218 27.45 -8.42 -4.42
CA ARG B 218 28.27 -7.31 -3.93
C ARG B 218 29.48 -7.81 -3.15
N ARG B 219 29.34 -8.94 -2.45
CA ARG B 219 30.40 -9.48 -1.58
C ARG B 219 31.29 -10.47 -2.32
N MET B 220 31.11 -10.71 -3.59
CA MET B 220 32.00 -11.58 -4.37
C MET B 220 33.15 -10.72 -4.92
N VAL B 221 34.39 -11.11 -4.65
CA VAL B 221 35.58 -10.35 -5.12
C VAL B 221 35.75 -10.58 -6.63
N SER B 222 36.06 -9.51 -7.33
CA SER B 222 36.56 -9.63 -8.72
C SER B 222 37.65 -8.60 -8.93
N ASN B 223 38.78 -9.04 -9.51
CA ASN B 223 39.88 -8.11 -9.87
C ASN B 223 40.31 -7.27 -8.64
N GLY B 224 40.30 -7.89 -7.46
CA GLY B 224 40.74 -7.27 -6.21
C GLY B 224 39.75 -6.26 -5.65
N ILE B 225 38.52 -6.21 -6.15
CA ILE B 225 37.51 -5.19 -5.73
C ILE B 225 36.33 -5.96 -5.14
N VAL B 226 35.76 -5.39 -4.09
CA VAL B 226 34.48 -5.90 -3.55
C VAL B 226 33.71 -4.70 -3.02
N GLU B 227 32.39 -4.79 -2.94
CA GLU B 227 31.60 -3.76 -2.25
C GLU B 227 31.39 -4.13 -0.79
N ASP B 228 31.19 -3.12 0.06
CA ASP B 228 30.76 -3.37 1.44
C ASP B 228 29.34 -3.93 1.42
N TYR B 229 29.02 -4.70 2.45
CA TYR B 229 27.62 -5.17 2.63
C TYR B 229 26.72 -3.95 2.76
N LYS B 230 25.64 -3.96 1.99
CA LYS B 230 24.52 -3.01 2.19
C LYS B 230 23.22 -3.76 1.94
N PRO B 231 22.16 -3.38 2.66
CA PRO B 231 20.84 -3.91 2.35
C PRO B 231 20.28 -3.24 1.12
N PRO B 232 19.28 -3.84 0.46
CA PRO B 232 18.65 -3.23 -0.70
C PRO B 232 18.08 -1.85 -0.37
N PHE B 233 18.36 -0.94 -1.26
CA PHE B 233 17.88 0.47 -1.25
C PHE B 233 18.50 1.26 -0.09
N TYR B 234 19.65 0.85 0.44
CA TYR B 234 20.32 1.51 1.57
C TYR B 234 20.52 3.01 1.26
N ASP B 235 20.79 3.37 0.01
CA ASP B 235 21.25 4.72 -0.37
C ASP B 235 20.07 5.68 -0.54
N VAL B 236 18.84 5.19 -0.68
CA VAL B 236 17.73 6.00 -1.25
C VAL B 236 16.57 6.14 -0.28
N VAL B 237 16.56 5.40 0.82
CA VAL B 237 15.46 5.50 1.83
C VAL B 237 16.03 5.87 3.17
N PRO B 238 15.20 6.42 4.07
CA PRO B 238 15.59 6.63 5.46
C PRO B 238 15.95 5.31 6.15
N ASN B 239 16.69 5.42 7.25
CA ASN B 239 16.84 4.27 8.16
C ASN B 239 15.45 3.78 8.58
N ASP B 240 15.29 2.49 8.76
CA ASP B 240 14.02 1.94 9.27
C ASP B 240 12.91 2.43 8.35
N PRO B 241 13.02 2.20 7.04
CA PRO B 241 12.04 2.73 6.08
C PRO B 241 10.61 2.23 6.32
N SER B 242 9.69 3.15 6.16
CA SER B 242 8.24 2.86 6.19
C SER B 242 7.79 2.24 4.86
N PHE B 243 6.59 1.69 4.87
CA PHE B 243 5.89 1.23 3.66
C PHE B 243 5.92 2.34 2.61
N GLU B 244 5.50 3.55 3.00
CA GLU B 244 5.42 4.65 2.03
C GLU B 244 6.81 5.09 1.56
N ASP B 245 7.82 5.03 2.44
CA ASP B 245 9.23 5.31 2.01
C ASP B 245 9.60 4.38 0.84
N MET B 246 9.30 3.09 1.03
CA MET B 246 9.62 2.09 -0.01
C MET B 246 8.80 2.28 -1.28
N ARG B 247 7.51 2.56 -1.11
CA ARG B 247 6.65 2.84 -2.26
C ARG B 247 7.22 4.02 -3.07
N LYS B 248 7.69 5.05 -2.35
CA LYS B 248 8.26 6.21 -3.07
C LYS B 248 9.38 5.76 -4.01
N VAL B 249 10.35 5.03 -3.48
CA VAL B 249 11.55 4.75 -4.32
C VAL B 249 11.23 3.69 -5.38
N VAL B 250 10.47 2.67 -5.01
CA VAL B 250 10.25 1.53 -5.95
C VAL B 250 9.18 1.86 -6.97
N CYS B 251 8.07 2.47 -6.53
CA CYS B 251 6.91 2.70 -7.42
C CYS B 251 6.99 4.09 -8.10
N VAL B 252 7.23 5.14 -7.32
CA VAL B 252 7.20 6.52 -7.84
C VAL B 252 8.50 6.76 -8.61
N ASP B 253 9.65 6.50 -7.98
CA ASP B 253 11.00 6.81 -8.53
C ASP B 253 11.51 5.68 -9.43
N GLN B 254 10.82 4.55 -9.48
CA GLN B 254 11.17 3.39 -10.35
C GLN B 254 12.60 2.92 -10.09
N GLN B 255 13.05 3.01 -8.85
CA GLN B 255 14.46 2.69 -8.52
C GLN B 255 14.63 1.16 -8.46
N ARG B 256 15.81 0.75 -8.87
CA ARG B 256 16.30 -0.63 -8.67
C ARG B 256 17.69 -0.54 -8.10
N PRO B 257 18.19 -1.58 -7.42
CA PRO B 257 19.58 -1.55 -6.97
C PRO B 257 20.52 -1.31 -8.15
N ASN B 258 21.52 -0.48 -7.86
CA ASN B 258 22.51 -0.13 -8.91
C ASN B 258 23.51 -1.28 -9.06
N ILE B 259 23.94 -1.49 -10.28
CA ILE B 259 24.97 -2.50 -10.59
C ILE B 259 26.32 -1.81 -10.57
N PRO B 260 27.25 -2.18 -9.68
CA PRO B 260 28.58 -1.58 -9.70
C PRO B 260 29.21 -1.86 -11.06
N ASN B 261 29.84 -0.86 -11.69
CA ASN B 261 30.44 -1.08 -13.02
C ASN B 261 31.58 -2.12 -12.99
N ARG B 262 32.24 -2.35 -11.85
CA ARG B 262 33.34 -3.34 -11.78
C ARG B 262 32.79 -4.72 -12.12
N TRP B 263 31.50 -4.99 -11.90
CA TRP B 263 30.94 -6.32 -12.19
C TRP B 263 31.12 -6.68 -13.66
N PHE B 264 31.08 -5.70 -14.55
CA PHE B 264 31.03 -5.97 -16.01
C PHE B 264 32.39 -6.45 -16.53
N SER B 265 33.45 -6.38 -15.71
CA SER B 265 34.76 -6.97 -16.04
C SER B 265 34.79 -8.47 -15.77
N ASP B 266 33.86 -9.01 -14.98
CA ASP B 266 33.85 -10.43 -14.54
C ASP B 266 32.68 -11.17 -15.17
N PRO B 267 32.89 -12.33 -15.84
CA PRO B 267 31.78 -13.00 -16.52
C PRO B 267 30.69 -13.47 -15.55
N THR B 268 31.06 -13.89 -14.36
CA THR B 268 30.12 -14.43 -13.36
C THR B 268 29.21 -13.29 -12.90
N LEU B 269 29.79 -12.18 -12.52
CA LEU B 269 28.98 -11.04 -12.04
C LEU B 269 28.19 -10.42 -13.18
N THR B 270 28.70 -10.41 -14.40
CA THR B 270 27.93 -9.93 -15.57
C THR B 270 26.70 -10.83 -15.72
N SER B 271 26.85 -12.14 -15.61
CA SER B 271 25.69 -13.08 -15.69
C SER B 271 24.73 -12.84 -14.53
N LEU B 272 25.23 -12.65 -13.33
CA LEU B 272 24.33 -12.43 -12.18
C LEU B 272 23.56 -11.11 -12.33
N ALA B 273 24.21 -10.05 -12.81
CA ALA B 273 23.54 -8.74 -13.03
C ALA B 273 22.39 -8.96 -14.00
N LYS B 274 22.60 -9.73 -15.06
CA LYS B 274 21.54 -9.99 -16.05
C LYS B 274 20.40 -10.70 -15.35
N LEU B 275 20.70 -11.68 -14.52
CA LEU B 275 19.67 -12.48 -13.84
C LEU B 275 18.90 -11.59 -12.89
N MET B 276 19.55 -10.76 -12.09
CA MET B 276 18.79 -10.00 -11.08
C MET B 276 17.94 -8.94 -11.81
N LYS B 277 18.35 -8.39 -12.97
CA LYS B 277 17.49 -7.47 -13.72
C LYS B 277 16.22 -8.18 -14.20
N GLU B 278 16.29 -9.46 -14.51
CA GLU B 278 15.12 -10.22 -14.99
C GLU B 278 14.24 -10.67 -13.82
N CYS B 279 14.63 -10.35 -12.58
CA CYS B 279 13.78 -10.51 -11.38
C CYS B 279 13.04 -9.20 -11.06
N TRP B 280 13.41 -8.10 -11.67
CA TRP B 280 13.01 -6.75 -11.23
C TRP B 280 12.10 -6.01 -12.21
N TYR B 281 11.61 -6.67 -13.23
CA TYR B 281 10.65 -5.99 -14.13
C TYR B 281 9.45 -5.48 -13.34
N GLN B 282 8.93 -4.28 -13.60
CA GLN B 282 7.68 -3.82 -12.95
C GLN B 282 6.53 -4.75 -13.37
N ASN B 283 6.52 -5.25 -14.60
CA ASN B 283 5.49 -6.23 -15.04
C ASN B 283 5.80 -7.57 -14.36
N PRO B 284 5.00 -8.01 -13.37
CA PRO B 284 5.35 -9.24 -12.65
C PRO B 284 5.48 -10.45 -13.58
N SER B 285 4.63 -10.54 -14.63
N SER B 285 4.64 -10.51 -14.63
CA SER B 285 4.62 -11.72 -15.55
CA SER B 285 4.59 -11.64 -15.60
C SER B 285 5.87 -11.75 -16.45
C SER B 285 5.87 -11.75 -16.44
N ALA B 286 6.65 -10.67 -16.53
CA ALA B 286 7.92 -10.65 -17.29
C ALA B 286 9.04 -11.31 -16.50
N ARG B 287 8.87 -11.43 -15.18
CA ARG B 287 9.99 -11.90 -14.31
C ARG B 287 10.29 -13.37 -14.58
N LEU B 288 11.54 -13.80 -14.40
CA LEU B 288 11.91 -15.23 -14.51
C LEU B 288 11.18 -16.06 -13.46
N THR B 289 11.06 -17.34 -13.73
CA THR B 289 10.59 -18.36 -12.75
C THR B 289 11.74 -18.83 -11.89
N ALA B 290 11.43 -19.37 -10.71
CA ALA B 290 12.45 -19.95 -9.83
C ALA B 290 13.17 -21.07 -10.57
N LEU B 291 12.42 -21.89 -11.29
CA LEU B 291 13.06 -23.03 -12.04
C LEU B 291 14.05 -22.48 -13.07
N ARG B 292 13.70 -21.44 -13.79
CA ARG B 292 14.60 -20.84 -14.80
C ARG B 292 15.83 -20.25 -14.10
N ILE B 293 15.65 -19.60 -12.95
CA ILE B 293 16.83 -19.09 -12.23
C ILE B 293 17.73 -20.25 -11.85
N LYS B 294 17.17 -21.31 -11.29
CA LYS B 294 17.98 -22.49 -10.88
C LYS B 294 18.76 -23.02 -12.08
N LYS B 295 18.09 -23.16 -13.22
CA LYS B 295 18.73 -23.73 -14.43
C LYS B 295 19.86 -22.80 -14.87
N THR B 296 19.63 -21.49 -14.86
CA THR B 296 20.65 -20.51 -15.29
C THR B 296 21.85 -20.57 -14.35
N LEU B 297 21.62 -20.64 -13.04
CA LEU B 297 22.73 -20.67 -12.05
C LEU B 297 23.50 -21.98 -12.13
N THR B 298 22.83 -23.07 -12.52
CA THR B 298 23.46 -24.40 -12.71
C THR B 298 24.47 -24.30 -13.84
N LYS B 299 24.21 -23.48 -14.86
CA LYS B 299 25.04 -23.34 -16.09
C LYS B 299 26.14 -22.28 -15.95
N ILE B 300 26.00 -21.30 -15.03
CA ILE B 300 26.98 -20.19 -14.83
C ILE B 300 28.23 -20.75 -14.15
N ASP B 301 29.40 -20.26 -14.58
CA ASP B 301 30.78 -20.60 -14.12
C ASP B 301 31.40 -19.36 -13.48
C10 LU8 C . -10.78 27.04 4.63
C10 LU8 C . -11.18 26.72 4.17
C13 LU8 C . -11.80 29.71 1.97
C13 LU8 C . -12.30 28.92 1.23
C15 LU8 C . -10.92 32.03 1.52
C15 LU8 C . -11.75 31.34 0.64
C17 LU8 C . -9.61 34.28 1.97
C17 LU8 C . -12.69 33.69 0.46
C20 LU8 C . -9.95 33.30 -0.33
C20 LU8 C . -12.62 32.30 -1.52
C21 LU8 C . -9.84 31.99 0.44
C21 LU8 C . -12.39 31.03 -0.71
C22 LU8 C . -10.05 30.56 3.37
C22 LU8 C . -10.88 30.20 2.66
C24 LU8 C . -11.85 26.19 4.94
C24 LU8 C . -12.15 25.80 4.60
C26 LU8 C . -13.41 23.45 5.04
C26 LU8 C . -13.49 22.96 4.97
C01 LU8 C . -13.61 23.07 10.04
C01 LU8 C . -13.48 23.11 9.94
C03 LU8 C . -13.88 22.74 7.64
C03 LU8 C . -13.97 22.58 7.65
C04 LU8 C . -12.87 23.66 7.34
C04 LU8 C . -13.03 23.53 7.25
C05 LU8 C . -12.65 24.03 6.05
C05 LU8 C . -12.81 23.74 5.91
C06 LU8 C . -11.60 25.03 5.67
C06 LU8 C . -11.80 24.74 5.43
C07 LU8 C . -10.32 24.78 6.13
C07 LU8 C . -10.49 24.62 5.88
C09 LU8 C . -9.51 26.69 5.11
C09 LU8 C . -9.89 26.51 4.63
C11 LU8 C . -10.89 28.32 3.80
C11 LU8 C . -11.39 27.89 3.25
C12 LU8 C . -11.76 28.49 2.69
C12 LU8 C . -12.16 27.81 2.08
C14 LU8 C . -10.92 30.75 2.31
C14 LU8 C . -11.65 30.12 1.53
C16 LU8 C . -10.75 33.30 2.38
C16 LU8 C . -12.50 32.46 1.36
C19 LU8 C . -9.63 35.67 -0.06
C19 LU8 C . -14.75 32.71 -0.46
C23 LU8 C . -10.04 29.37 4.11
C23 LU8 C . -10.74 29.09 3.52
C25 LU8 C . -13.28 26.51 4.50
C25 LU8 C . -13.59 26.00 4.18
C27 LU8 C . -14.40 22.51 5.34
C27 LU8 C . -14.42 22.02 5.37
C29 LU8 C . -14.86 22.10 3.00
C29 LU8 C . -15.16 21.54 3.08
C30 LU8 C . -14.68 22.19 6.65
C30 LU8 C . -14.67 21.84 6.70
C32 LU8 C . -15.33 19.94 7.17
C32 LU8 C . -15.03 19.73 7.64
N08 LU8 C . -9.30 25.59 5.83
N08 LU8 C . -9.58 25.51 5.44
N18 LU8 C . -9.31 34.33 0.50
N18 LU8 C . -13.43 33.28 -0.75
O02 LU8 C . -14.19 22.34 8.95
O02 LU8 C . -14.26 22.36 8.99
O28 LU8 C . -15.16 21.90 4.37
O28 LU8 C . -15.13 21.22 4.48
O31 LU8 C . -15.67 21.28 6.95
O31 LU8 C . -15.57 20.90 7.12
C1 EDO D . -3.47 17.34 6.82
O1 EDO D . -2.49 17.97 7.70
C2 EDO D . -4.20 18.39 6.10
O2 EDO D . -4.87 19.33 6.94
C1 EDO E . -22.30 16.24 -21.93
O1 EDO E . -22.53 17.48 -22.66
C2 EDO E . -22.58 16.31 -20.46
O2 EDO E . -21.95 17.48 -19.74
C1 EDO F . -37.27 7.50 -17.71
O1 EDO F . -36.83 6.80 -16.58
C2 EDO F . -37.27 6.58 -18.89
O2 EDO F . -36.47 5.38 -18.68
C1 EDO G . -25.20 24.82 -13.95
O1 EDO G . -25.28 23.44 -14.33
C2 EDO G . -24.71 25.78 -14.93
O2 EDO G . -25.36 25.85 -16.18
S DMS H . 0.56 20.21 13.51
O DMS H . -0.15 19.88 14.81
C1 DMS H . 2.29 20.24 13.85
C2 DMS H . 0.49 18.75 12.48
C10 LU8 I . -4.82 20.27 26.17
C13 LU8 I . -3.48 16.77 26.15
C15 LU8 I . -2.79 15.12 27.83
C17 LU8 I . -0.87 13.87 28.72
C20 LU8 I . -3.04 13.05 29.23
C21 LU8 I . -3.64 14.39 28.84
C22 LU8 I . -3.66 17.48 28.39
C24 LU8 I . -6.00 20.37 25.43
C26 LU8 I . -8.96 21.52 25.12
C01 LU8 I . -8.24 23.81 20.69
C03 LU8 I . -9.19 22.95 22.76
C04 LU8 I . -7.92 22.70 23.23
C05 LU8 I . -7.79 21.95 24.42
C06 LU8 I . -6.49 21.63 25.10
C07 LU8 I . -5.83 22.76 25.58
C09 LU8 I . -4.20 21.45 26.57
C11 LU8 I . -4.26 18.98 26.57
C12 LU8 I . -3.95 17.98 25.71
C14 LU8 I . -3.34 16.49 27.50
C16 LU8 I . -1.40 15.26 28.40
C19 LU8 I . -1.09 11.92 30.14
C23 LU8 I . -4.11 18.71 27.93
C25 LU8 I . -6.71 19.17 24.93
C27 LU8 I . -10.25 21.78 24.61
C29 LU8 I . -11.30 20.55 26.43
C30 LU8 I . -10.33 22.54 23.45
C32 LU8 I . -11.99 22.03 21.79
N08 LU8 I . -4.68 22.66 26.28
N18 LU8 I . -1.68 13.24 29.77
O02 LU8 I . -9.39 23.65 21.57
O28 LU8 I . -11.40 21.42 25.27
O31 LU8 I . -11.56 22.84 22.91
C10 LU8 J . -0.57 18.12 24.54
C13 LU8 J . 1.47 15.17 25.81
C15 LU8 J . 1.12 12.60 25.42
C17 LU8 J . 3.20 11.04 25.37
C20 LU8 J . 1.07 10.35 26.38
C21 LU8 J . 0.61 11.79 26.59
C22 LU8 J . -0.39 14.29 24.57
C24 LU8 J . -1.01 18.60 23.28
C26 LU8 J . -3.18 20.01 21.29
C01 LU8 J . 0.49 22.74 19.32
C03 LU8 J . -1.53 21.55 19.73
C04 LU8 J . -1.10 21.20 21.01
C05 LU8 J . -1.91 20.41 21.80
C06 LU8 J . -1.44 19.90 23.14
C07 LU8 J . -1.50 20.73 24.27
C09 LU8 J . -0.65 19.01 25.58
C11 LU8 J . -0.08 16.75 24.83
C12 LU8 J . 1.08 16.49 25.62
C14 LU8 J . 0.74 14.04 25.33
C16 LU8 J . 2.64 12.47 25.22
C19 LU8 J . 3.02 10.72 27.79
C23 LU8 J . -0.78 15.60 24.32
C25 LU8 J . -0.91 17.75 22.04
C27 LU8 J . -3.59 20.44 20.09
C29 LU8 J . -5.73 19.34 20.32
C30 LU8 J . -2.76 21.15 19.29
C32 LU8 J . -3.88 22.67 17.69
N08 LU8 J . -1.08 20.25 25.46
N18 LU8 J . 2.55 10.28 26.46
O02 LU8 J . -0.81 22.35 18.88
O28 LU8 J . -4.79 20.07 19.52
O31 LU8 J . -3.13 21.50 18.02
N1 T5V K . -9.10 1.17 14.63
N1 T5V K . -8.37 0.85 14.47
N T5V K . -7.33 -1.62 13.06
N T5V K . -10.48 -1.26 12.39
C T5V K . -8.39 -0.71 13.45
C T5V K . -10.05 -0.24 13.32
C1 T5V K . -8.11 0.36 14.30
C1 T5V K . -8.72 -0.10 13.61
C2 T5V K . -10.32 0.99 14.17
C2 T5V K . -9.26 1.65 15.04
C3 T5V K . -9.68 -0.88 12.98
C3 T5V K . -10.99 0.56 13.91
N2 T5V K . -10.60 -0.01 13.35
N2 T5V K . -10.54 1.49 14.75
N1 T5V L . -32.89 9.11 -4.22
N T5V L . -29.91 9.94 -2.29
C T5V L . -31.25 9.96 -2.80
C1 T5V L . -31.65 9.07 -3.77
C2 T5V L . -33.76 9.99 -3.75
C3 T5V L . -32.17 10.88 -2.33
N2 T5V L . -33.39 10.84 -2.82
S SO4 M . -1.01 24.90 4.32
O1 SO4 M . -1.11 23.76 5.16
O2 SO4 M . 0.09 24.72 3.39
O3 SO4 M . -2.22 25.05 3.58
O4 SO4 M . -0.75 26.10 5.10
S SO4 N . -14.29 20.79 -28.65
O1 SO4 N . -13.73 19.52 -28.98
O2 SO4 N . -13.26 21.74 -28.49
O3 SO4 N . -15.04 20.66 -27.45
O4 SO4 N . -15.23 21.23 -29.70
S SO4 O . -25.18 23.02 -7.60
O1 SO4 O . -24.63 21.73 -7.94
O2 SO4 O . -25.57 23.73 -8.82
O3 SO4 O . -24.18 23.82 -6.88
O4 SO4 O . -26.34 22.82 -6.75
C1 EDO P . -4.49 6.35 9.99
O1 EDO P . -4.88 7.52 9.27
C2 EDO P . -5.51 5.53 10.66
O2 EDO P . -5.20 5.44 12.02
C1 EDO Q . -4.46 15.12 33.77
O1 EDO Q . -3.77 16.17 34.41
C2 EDO Q . -4.49 15.27 32.30
O2 EDO Q . -4.52 16.61 31.88
C1 EDO R . -3.49 20.99 -31.30
O1 EDO R . -2.20 20.48 -31.61
C2 EDO R . -3.80 21.12 -29.85
O2 EDO R . -4.40 22.30 -29.49
C1 EDO S . -24.16 25.62 0.70
O1 EDO S . -24.59 26.85 0.20
C2 EDO S . -25.30 24.75 1.03
O2 EDO S . -24.95 23.80 2.01
C1 EDO T . -18.13 26.48 -22.80
O1 EDO T . -18.95 25.40 -23.25
C2 EDO T . -17.09 26.08 -21.80
O2 EDO T . -16.15 25.07 -22.22
C10 LU8 U . 19.93 -19.11 13.86
C13 LU8 U . 22.96 -17.50 15.46
C15 LU8 U . 23.99 -15.33 15.23
C17 LU8 U . 25.59 -13.59 14.37
C20 LU8 U . 24.75 -13.56 16.69
C21 LU8 U . 23.50 -14.36 16.27
C22 LU8 U . 21.92 -15.90 13.91
C24 LU8 U . 18.54 -18.85 13.72
C26 LU8 U . 15.78 -18.82 12.14
C01 LU8 U . 13.36 -22.00 15.25
C03 LU8 U . 13.93 -20.33 13.55
C04 LU8 U . 15.29 -20.53 13.79
C05 LU8 U . 16.23 -19.77 13.12
C06 LU8 U . 17.72 -19.95 13.35
C07 LU8 U . 18.23 -21.22 13.18
C09 LU8 U . 20.34 -20.41 13.68
C11 LU8 U . 20.96 -18.04 14.22
C12 LU8 U . 21.97 -18.44 15.13
C14 LU8 U . 22.90 -16.27 14.86
C16 LU8 U . 24.40 -14.49 14.04
C19 LU8 U . 24.32 -11.68 15.19
C23 LU8 U . 20.92 -16.79 13.60
C25 LU8 U . 17.97 -17.49 13.98
C27 LU8 U . 14.43 -18.68 11.89
C29 LU8 U . 14.81 -16.91 10.32
C30 LU8 U . 13.54 -19.42 12.59
C32 LU8 U . 11.56 -20.10 11.50
N08 LU8 U . 19.57 -21.46 13.34
N18 LU8 U . 25.25 -12.78 15.54
O02 LU8 U . 12.96 -21.10 14.21
O28 LU8 U . 13.93 -17.77 10.98
O31 LU8 U . 12.15 -19.21 12.40
S SO4 V . 25.00 -27.01 9.78
O1 SO4 V . 25.50 -27.30 11.08
O2 SO4 V . 25.95 -27.41 8.76
O3 SO4 V . 23.75 -27.74 9.57
O4 SO4 V . 24.72 -25.60 9.69
C1 EDO W . 19.12 2.92 -6.72
O1 EDO W . 19.93 4.10 -6.29
C2 EDO W . 18.47 2.19 -5.64
O2 EDO W . 19.35 1.72 -4.52
S DMS X . 16.14 -25.74 -20.92
O DMS X . 17.03 -25.09 -19.87
C1 DMS X . 14.58 -26.06 -20.16
C2 DMS X . 15.64 -24.43 -22.04
N1 T5V Y . 25.98 -4.68 -19.81
N1 T5V Y . 28.76 -4.76 -20.09
N T5V Y . 28.68 -2.22 -19.86
N T5V Y . 25.80 -6.90 -19.87
C T5V Y . 27.97 -3.48 -19.93
C T5V Y . 26.68 -5.75 -19.79
C1 T5V Y . 26.59 -3.52 -19.74
C1 T5V Y . 28.00 -5.83 -20.19
C2 T5V Y . 26.65 -5.79 -20.05
C2 T5V Y . 28.28 -3.62 -19.62
C3 T5V Y . 28.65 -4.65 -20.18
C3 T5V Y . 26.20 -4.54 -19.32
N2 T5V Y . 27.95 -5.78 -20.23
N2 T5V Y . 27.03 -3.52 -19.25
N1 T5V Z . 6.47 9.13 2.80
N1 T5V Z . 3.92 9.31 2.87
N T5V Z . 4.19 8.33 5.54
N T5V Z . 7.09 9.21 0.86
C T5V Z . 4.70 8.63 4.22
C T5V Z . 6.13 9.13 1.95
C1 T5V Z . 6.06 8.86 4.02
C1 T5V Z . 4.75 9.44 1.82
C2 T5V Z . 5.63 9.18 1.78
C2 T5V Z . 4.36 8.96 4.07
C3 T5V Z . 3.84 8.69 3.13
C3 T5V Z . 6.53 8.75 3.21
N2 T5V Z . 4.34 8.96 1.95
N2 T5V Z . 5.64 8.68 4.20
C1 EDO AA . 18.55 -27.89 7.35
O1 EDO AA . 17.99 -27.21 8.32
C2 EDO AA . 18.09 -27.81 5.94
O2 EDO AA . 17.15 -28.89 5.53
C1 EDO BA . 8.59 -3.29 -16.76
O1 EDO BA . 8.19 -4.64 -17.07
C2 EDO BA . 9.98 -3.18 -16.19
O2 EDO BA . 10.96 -2.60 -17.00
C1 EDO CA . 39.84 -8.77 -1.28
O1 EDO CA . 40.26 -8.70 -2.64
C2 EDO CA . 39.10 -7.55 -0.92
O2 EDO CA . 39.24 -6.58 -1.95
#